data_8VUQ
#
_entry.id   8VUQ
#
_cell.length_a   1.00
_cell.length_b   1.00
_cell.length_c   1.00
_cell.angle_alpha   90.00
_cell.angle_beta   90.00
_cell.angle_gamma   90.00
#
_symmetry.space_group_name_H-M   'P 1'
#
loop_
_entity.id
_entity.type
_entity.pdbx_description
1 polymer 'Glutamate receptor ionotropic, NMDA 1'
2 polymer 'Glutamate receptor ionotropic, NMDA 2A'
3 polymer '008-218 Heavy'
4 polymer '008-218 Light'
#
loop_
_entity_poly.entity_id
_entity_poly.type
_entity_poly.pdbx_seq_one_letter_code
_entity_poly.pdbx_strand_id
1 'polypeptide(L)'
;KIVNIGAVLSTRKHEQMFREAVNQANKRHGSWKIQLNATSVTHKPNAIQMALSVCEDLISSQVYAILVSHPPTPNDHFTP
TPVSYTAGFYRIPVLGLTTRMSIYSDKSIHLSFLRTVPPYSHQSSVWFEMMRVYSWNHIILLVSDDHEGRAAQKRLETLL
EERESKAEKVLQFDPGTKNVTALLMEAKELEARVIILSASEDDAATVYRAAAMLNMTGSGYVWLVGEREISGNALRYAPD
GILGLQLINGKNESAHISDAVGVVAQAVHELLEKENITDPPRGCVGNTNIWKTGPLFKRVLMSSKYADGVTGRVEFNEDG
DRKFANYSIMNLQNRKLVQVGIYNGTHVIPNDRKIIWPGGETEKPRGYQ
;
A
2 'polypeptide(L)'
;LNIAVMLGHSHDVTERELRTLWGPEQAAGLPLDVNVVALLMNRTDPKSLITHVCDLMSGARIHGLVFGDDTDQEAVAQML
DFISSHTFVPILGIHGGASMIMADKDPTSTFFQFGASIQQQATVMLKIMQDYDWHVFSLVTTIFPGYREFISFVKTTVDN
SFVGWDMQNVITLDTSFEDAKTQVQLKKIHSSVILLYCSKDEAVLILSEARSLGLTGYDFFWIVPSLVSGNTELIPKEFP
SGLISVSYDDWDYSLEARVRDGIGILTTAASSMLEKFSYIPEAKASCYGQMERPEVPMHTLHPFMVNVTWDGKDLSFTEE
GYQVHPRLVVIVLNKDREWEKVGKWENHTLSLRHAVWPRYKSF
;
B
3 'polypeptide(L)'
;EVQLVESGGGLVQPGRSLRLSCAASGFTFDDYAMHWVRQVPGKGLEWVSGISWSSGSIGYADSVKGRFTISRDNAKNSLY
LQMNSLRAEDTALYYCAKDRASSWYAYGMDVWGQGTLVTVSSASTKGPSVFPLAPSSKSTSGGTAALGCLVKDYFPEPVT
VSWNSGALTSGVHTFPAVLQSSGLYSLSSVVTVPSSSLGTQTYICNVNHKPSNTKVDKKV
;
G
4 'polypeptide(L)'
;NFMLTQPHSVSESPGKTVTISCTRSSGSIASNYVQWYQQRPGSSPTTVIYDDNQRPSGVPNRFSGSIDSSSNSASLIISG
LKTEDEADYYCQSTRVFGGGTKLTVLGQPKAAPSVTLFPPSSEELQANKATLVCLISDFYPGAVTVAWKADSSPVKAGVE
TTTPSKQSNNKYAASSYLSLTPEQWKSHRSYSCQVTHEGSTVEKTVAPT
;
I
#
# COMPACT_ATOMS: atom_id res chain seq x y z
N LYS A 1 -14.48 -12.37 -5.92
CA LYS A 1 -13.82 -13.47 -6.62
C LYS A 1 -12.74 -12.94 -7.58
N ILE A 2 -13.03 -12.99 -8.87
CA ILE A 2 -12.07 -12.51 -9.87
C ILE A 2 -12.10 -10.99 -9.91
N VAL A 3 -10.93 -10.38 -9.72
CA VAL A 3 -10.79 -8.93 -9.85
C VAL A 3 -9.91 -8.64 -11.04
N ASN A 4 -10.07 -7.44 -11.61
CA ASN A 4 -9.36 -7.04 -12.81
C ASN A 4 -8.58 -5.77 -12.54
N ILE A 5 -7.42 -5.65 -13.20
CA ILE A 5 -6.58 -4.47 -13.10
C ILE A 5 -6.15 -4.09 -14.52
N GLY A 6 -6.69 -2.99 -15.03
CA GLY A 6 -6.34 -2.56 -16.36
C GLY A 6 -5.01 -1.86 -16.43
N ALA A 7 -4.55 -1.61 -17.66
CA ALA A 7 -3.29 -0.93 -17.87
C ALA A 7 -3.28 -0.33 -19.27
N VAL A 8 -2.58 0.80 -19.40
CA VAL A 8 -2.42 1.48 -20.69
C VAL A 8 -0.92 1.67 -20.89
N LEU A 9 -0.29 0.72 -21.58
CA LEU A 9 1.16 0.71 -21.73
C LEU A 9 1.55 1.21 -23.11
N SER A 10 2.86 1.30 -23.35
CA SER A 10 3.37 1.90 -24.57
C SER A 10 3.42 0.91 -25.72
N THR A 11 4.21 -0.15 -25.60
CA THR A 11 4.49 -1.05 -26.70
C THR A 11 3.96 -2.45 -26.39
N ARG A 12 4.01 -3.30 -27.42
CA ARG A 12 3.48 -4.65 -27.30
C ARG A 12 4.26 -5.47 -26.28
N LYS A 13 5.59 -5.34 -26.28
CA LYS A 13 6.41 -6.14 -25.38
C LYS A 13 6.12 -5.79 -23.91
N HIS A 14 5.87 -4.51 -23.64
CA HIS A 14 5.54 -4.11 -22.27
C HIS A 14 4.25 -4.76 -21.79
N GLU A 15 3.32 -5.05 -22.71
CA GLU A 15 2.14 -5.80 -22.32
C GLU A 15 2.50 -7.20 -21.83
N GLN A 16 3.42 -7.86 -22.54
CA GLN A 16 3.88 -9.17 -22.09
C GLN A 16 4.58 -9.09 -20.74
N MET A 17 5.39 -8.04 -20.55
CA MET A 17 6.04 -7.86 -19.26
C MET A 17 5.03 -7.65 -18.14
N PHE A 18 3.98 -6.86 -18.41
CA PHE A 18 2.93 -6.63 -17.42
C PHE A 18 2.20 -7.92 -17.09
N ARG A 19 1.91 -8.73 -18.10
CA ARG A 19 1.24 -10.01 -17.85
C ARG A 19 2.12 -10.93 -17.01
N GLU A 20 3.42 -10.99 -17.32
CA GLU A 20 4.32 -11.81 -16.52
C GLU A 20 4.37 -11.32 -15.08
N ALA A 21 4.43 -10.00 -14.89
CA ALA A 21 4.48 -9.45 -13.53
C ALA A 21 3.20 -9.75 -12.77
N VAL A 22 2.05 -9.64 -13.44
CA VAL A 22 0.79 -9.91 -12.76
C VAL A 22 0.67 -11.39 -12.42
N ASN A 23 1.20 -12.27 -13.27
CA ASN A 23 1.22 -13.70 -12.94
C ASN A 23 2.10 -13.96 -11.73
N GLN A 24 3.27 -13.32 -11.69
CA GLN A 24 4.16 -13.48 -10.54
C GLN A 24 3.49 -13.00 -9.25
N ALA A 25 2.82 -11.85 -9.31
CA ALA A 25 2.14 -11.32 -8.13
C ALA A 25 0.99 -12.22 -7.70
N ASN A 26 0.27 -12.79 -8.67
CA ASN A 26 -0.80 -13.72 -8.33
C ASN A 26 -0.25 -14.98 -7.67
N LYS A 27 0.92 -15.45 -8.12
CA LYS A 27 1.45 -16.71 -7.62
C LYS A 27 1.81 -16.66 -6.13
N ARG A 28 2.02 -15.47 -5.56
CA ARG A 28 2.49 -15.39 -4.18
C ARG A 28 1.37 -15.67 -3.19
N HIS A 29 0.34 -14.83 -3.17
CA HIS A 29 -0.77 -14.96 -2.23
C HIS A 29 -2.06 -15.12 -3.03
N GLY A 30 -2.39 -16.38 -3.34
CA GLY A 30 -3.60 -16.68 -4.09
C GLY A 30 -4.43 -17.77 -3.42
N SER A 31 -4.49 -17.74 -2.09
CA SER A 31 -5.21 -18.75 -1.33
C SER A 31 -6.71 -18.51 -1.49
N TRP A 32 -7.24 -19.04 -2.59
CA TRP A 32 -8.66 -18.89 -2.96
C TRP A 32 -8.96 -17.39 -3.06
N LYS A 33 -10.22 -17.01 -2.84
CA LYS A 33 -10.64 -15.62 -2.86
C LYS A 33 -10.32 -14.95 -4.18
N ILE A 34 -9.19 -14.27 -4.25
CA ILE A 34 -8.84 -13.47 -5.41
C ILE A 34 -8.16 -14.34 -6.46
N GLN A 35 -8.25 -13.88 -7.72
CA GLN A 35 -7.52 -14.49 -8.83
C GLN A 35 -6.74 -13.42 -9.56
N LEU A 36 -7.26 -12.19 -9.54
CA LEU A 36 -6.57 -10.98 -9.99
C LEU A 36 -6.15 -11.10 -11.46
N ASN A 37 -7.17 -11.13 -12.31
CA ASN A 37 -6.96 -11.13 -13.75
C ASN A 37 -6.46 -9.76 -14.21
N ALA A 38 -6.13 -9.66 -15.50
CA ALA A 38 -5.59 -8.42 -16.06
C ALA A 38 -6.25 -8.12 -17.39
N THR A 39 -6.29 -6.83 -17.73
CA THR A 39 -6.81 -6.34 -18.99
C THR A 39 -5.81 -5.35 -19.59
N SER A 40 -5.74 -5.32 -20.91
CA SER A 40 -4.67 -4.60 -21.60
C SER A 40 -5.23 -3.73 -22.71
N VAL A 41 -4.51 -2.65 -23.03
CA VAL A 41 -4.82 -1.77 -24.14
C VAL A 41 -3.56 -0.98 -24.46
N THR A 42 -3.50 -0.46 -25.68
CA THR A 42 -2.32 0.25 -26.16
C THR A 42 -2.66 1.72 -26.42
N HIS A 43 -1.63 2.56 -26.39
CA HIS A 43 -1.78 3.98 -26.68
C HIS A 43 -2.30 4.18 -28.09
N LYS A 44 -3.14 5.18 -28.27
CA LYS A 44 -3.76 5.47 -29.55
C LYS A 44 -3.54 6.94 -29.91
N PRO A 45 -3.53 7.26 -31.21
CA PRO A 45 -3.37 8.66 -31.62
C PRO A 45 -4.57 9.51 -31.24
N ASN A 46 -4.51 10.81 -31.56
CA ASN A 46 -5.57 11.75 -31.22
C ASN A 46 -5.75 11.82 -29.71
N ALA A 47 -6.79 12.50 -29.26
CA ALA A 47 -7.11 12.54 -27.83
C ALA A 47 -8.55 12.16 -27.54
N ILE A 48 -9.49 12.57 -28.40
CA ILE A 48 -10.88 12.21 -28.19
C ILE A 48 -11.08 10.70 -28.37
N GLN A 49 -10.44 10.12 -29.39
CA GLN A 49 -10.54 8.69 -29.61
C GLN A 49 -9.97 7.91 -28.43
N MET A 50 -9.01 8.49 -27.71
CA MET A 50 -8.45 7.82 -26.54
C MET A 50 -9.46 7.80 -25.40
N ALA A 51 -10.10 8.93 -25.11
CA ALA A 51 -11.06 8.99 -24.02
C ALA A 51 -12.27 8.10 -24.27
N LEU A 52 -12.59 7.82 -25.53
CA LEU A 52 -13.65 6.88 -25.84
C LEU A 52 -13.19 5.44 -25.65
N SER A 53 -11.91 5.16 -25.92
CA SER A 53 -11.42 3.79 -25.80
C SER A 53 -11.47 3.29 -24.36
N VAL A 54 -11.20 4.17 -23.39
CA VAL A 54 -11.20 3.77 -22.00
C VAL A 54 -12.60 3.33 -21.57
N CYS A 55 -13.64 4.01 -22.09
CA CYS A 55 -15.00 3.72 -21.64
C CYS A 55 -15.53 2.41 -22.23
N GLU A 56 -15.04 1.99 -23.40
CA GLU A 56 -15.57 0.81 -24.05
C GLU A 56 -14.62 -0.38 -24.04
N ASP A 57 -13.39 -0.20 -23.59
CA ASP A 57 -12.41 -1.29 -23.59
C ASP A 57 -11.82 -1.59 -22.22
N LEU A 58 -11.81 -0.63 -21.29
CA LEU A 58 -11.24 -0.84 -19.96
C LEU A 58 -12.30 -0.79 -18.87
N ILE A 59 -13.09 0.29 -18.81
CA ILE A 59 -14.15 0.38 -17.81
C ILE A 59 -15.22 -0.66 -18.05
N SER A 60 -15.32 -1.18 -19.28
CA SER A 60 -16.28 -2.21 -19.61
C SER A 60 -15.95 -3.57 -19.01
N SER A 61 -14.96 -3.67 -18.11
CA SER A 61 -14.63 -4.94 -17.50
C SER A 61 -14.41 -4.81 -15.99
N GLN A 62 -14.96 -3.76 -15.36
CA GLN A 62 -14.86 -3.55 -13.92
C GLN A 62 -13.41 -3.50 -13.46
N VAL A 63 -12.68 -2.51 -13.97
CA VAL A 63 -11.27 -2.33 -13.62
C VAL A 63 -11.17 -1.62 -12.28
N TYR A 64 -10.42 -2.22 -11.35
CA TYR A 64 -10.23 -1.61 -10.03
C TYR A 64 -9.21 -0.49 -10.04
N ALA A 65 -8.35 -0.42 -11.06
CA ALA A 65 -7.35 0.62 -11.18
C ALA A 65 -6.74 0.58 -12.57
N ILE A 66 -6.56 1.75 -13.16
CA ILE A 66 -5.93 1.88 -14.47
C ILE A 66 -4.49 2.32 -14.26
N LEU A 67 -3.62 1.92 -15.19
CA LEU A 67 -2.17 2.13 -15.06
C LEU A 67 -1.67 2.82 -16.33
N VAL A 68 -1.37 4.11 -16.23
CA VAL A 68 -0.93 4.91 -17.37
C VAL A 68 0.56 4.77 -17.60
N SER A 69 1.03 5.25 -18.74
CA SER A 69 2.46 5.26 -19.04
C SER A 69 2.72 6.33 -20.10
N HIS A 70 3.97 6.76 -20.16
CA HIS A 70 4.36 7.79 -21.13
C HIS A 70 4.40 7.20 -22.54
N PRO A 71 3.92 7.92 -23.55
CA PRO A 71 3.99 7.40 -24.91
C PRO A 71 5.42 7.33 -25.40
N PRO A 72 5.76 6.34 -26.23
CA PRO A 72 7.16 6.18 -26.67
C PRO A 72 7.63 7.27 -27.63
N THR A 73 6.89 7.49 -28.71
CA THR A 73 7.35 8.35 -29.80
C THR A 73 7.24 9.84 -29.47
N PRO A 74 6.05 10.38 -29.15
CA PRO A 74 5.92 11.83 -29.04
C PRO A 74 6.53 12.36 -27.74
N ASN A 75 6.62 13.68 -27.68
CA ASN A 75 7.14 14.39 -26.51
C ASN A 75 5.99 14.65 -25.53
N ASP A 76 6.23 15.53 -24.56
CA ASP A 76 5.23 15.87 -23.55
C ASP A 76 4.07 16.70 -24.10
N HIS A 77 3.96 16.87 -25.42
CA HIS A 77 2.80 17.54 -25.98
C HIS A 77 1.52 16.72 -25.86
N PHE A 78 1.63 15.45 -25.48
CA PHE A 78 0.49 14.55 -25.34
C PHE A 78 0.57 13.78 -24.04
N THR A 79 0.82 14.49 -22.95
CA THR A 79 0.78 13.88 -21.62
C THR A 79 -0.63 13.33 -21.37
N PRO A 80 -0.77 12.19 -20.68
CA PRO A 80 -2.10 11.58 -20.57
C PRO A 80 -3.00 12.37 -19.62
N THR A 81 -3.85 13.20 -20.20
CA THR A 81 -4.98 13.83 -19.55
C THR A 81 -6.24 12.96 -19.57
N PRO A 82 -6.64 12.40 -20.72
CA PRO A 82 -7.99 11.79 -20.80
C PRO A 82 -8.22 10.66 -19.81
N VAL A 83 -7.20 9.87 -19.49
CA VAL A 83 -7.40 8.78 -18.54
C VAL A 83 -7.77 9.33 -17.17
N SER A 84 -7.10 10.40 -16.74
CA SER A 84 -7.40 10.99 -15.45
C SER A 84 -8.81 11.59 -15.43
N TYR A 85 -9.20 12.27 -16.51
CA TYR A 85 -10.52 12.90 -16.54
C TYR A 85 -11.64 11.86 -16.65
N THR A 86 -11.49 10.90 -17.56
CA THR A 86 -12.55 9.92 -17.78
C THR A 86 -12.73 9.02 -16.56
N ALA A 87 -11.63 8.44 -16.05
CA ALA A 87 -11.72 7.58 -14.88
C ALA A 87 -11.98 8.37 -13.61
N GLY A 88 -11.65 9.66 -13.59
CA GLY A 88 -11.91 10.46 -12.42
C GLY A 88 -13.38 10.71 -12.16
N PHE A 89 -14.24 10.48 -13.17
CA PHE A 89 -15.67 10.66 -12.98
C PHE A 89 -16.21 9.68 -11.95
N TYR A 90 -15.75 8.42 -11.99
CA TYR A 90 -16.18 7.40 -11.05
C TYR A 90 -15.25 7.25 -9.85
N ARG A 91 -14.28 8.15 -9.71
CA ARG A 91 -13.31 8.10 -8.61
C ARG A 91 -12.55 6.78 -8.58
N ILE A 92 -12.20 6.27 -9.75
CA ILE A 92 -11.39 5.08 -9.89
C ILE A 92 -9.92 5.52 -9.89
N PRO A 93 -9.12 5.08 -8.92
CA PRO A 93 -7.72 5.54 -8.86
C PRO A 93 -6.91 5.08 -10.05
N VAL A 94 -5.99 5.94 -10.48
CA VAL A 94 -5.08 5.63 -11.58
C VAL A 94 -3.66 5.83 -11.09
N LEU A 95 -2.78 4.87 -11.39
CA LEU A 95 -1.40 4.90 -10.95
C LEU A 95 -0.52 5.37 -12.11
N GLY A 96 0.27 6.43 -11.86
CA GLY A 96 1.20 6.91 -12.86
C GLY A 96 2.56 6.27 -12.72
N LEU A 97 3.29 6.18 -13.83
CA LEU A 97 4.59 5.52 -13.83
C LEU A 97 5.73 6.48 -14.12
N THR A 98 5.71 7.18 -15.25
CA THR A 98 6.81 8.07 -15.63
C THR A 98 6.26 9.40 -16.14
N THR A 99 5.28 9.96 -15.44
CA THR A 99 4.70 11.24 -15.79
C THR A 99 5.14 12.28 -14.76
N ARG A 100 5.87 13.30 -15.21
CA ARG A 100 6.40 14.34 -14.35
C ARG A 100 6.09 15.69 -14.99
N MET A 101 5.05 16.37 -14.51
CA MET A 101 4.73 17.69 -15.02
C MET A 101 4.31 18.68 -13.93
N SER A 102 4.21 18.26 -12.68
CA SER A 102 3.90 19.09 -11.51
C SER A 102 2.49 19.69 -11.56
N ILE A 103 1.70 19.41 -12.59
CA ILE A 103 0.31 19.85 -12.59
C ILE A 103 -0.60 18.87 -11.88
N TYR A 104 -0.20 17.60 -11.79
CA TYR A 104 -0.97 16.59 -11.08
C TYR A 104 -0.67 16.53 -9.60
N SER A 105 0.23 17.38 -9.11
CA SER A 105 0.55 17.41 -7.69
C SER A 105 -0.60 17.89 -6.83
N ASP A 106 -1.60 18.55 -7.42
CA ASP A 106 -2.77 19.02 -6.71
C ASP A 106 -3.97 18.11 -7.01
N LYS A 107 -4.97 18.20 -6.14
CA LYS A 107 -6.19 17.40 -6.30
C LYS A 107 -7.41 18.24 -6.65
N SER A 108 -7.22 19.54 -6.91
CA SER A 108 -8.33 20.36 -7.33
C SER A 108 -8.79 20.03 -8.74
N ILE A 109 -7.86 19.61 -9.61
CA ILE A 109 -8.21 19.24 -10.98
C ILE A 109 -8.24 17.72 -11.11
N HIS A 110 -7.10 17.07 -10.88
CA HIS A 110 -7.03 15.62 -10.96
C HIS A 110 -7.44 15.06 -9.61
N LEU A 111 -8.70 14.60 -9.52
CA LEU A 111 -9.27 14.19 -8.25
C LEU A 111 -8.56 12.97 -7.67
N SER A 112 -8.27 11.98 -8.51
CA SER A 112 -7.67 10.71 -8.07
C SER A 112 -6.53 10.37 -9.01
N PHE A 113 -5.32 10.79 -8.66
CA PHE A 113 -4.13 10.52 -9.48
C PHE A 113 -2.92 10.51 -8.56
N LEU A 114 -2.22 9.38 -8.52
CA LEU A 114 -1.02 9.24 -7.70
C LEU A 114 0.04 8.51 -8.50
N ARG A 115 1.25 9.06 -8.50
CA ARG A 115 2.36 8.56 -9.28
C ARG A 115 3.40 7.91 -8.37
N THR A 116 4.50 7.47 -8.97
CA THR A 116 5.60 6.85 -8.22
C THR A 116 6.92 7.57 -8.44
N VAL A 117 6.90 8.83 -8.86
CA VAL A 117 8.13 9.60 -9.08
C VAL A 117 7.91 11.04 -8.64
N PRO A 118 8.87 11.67 -7.97
CA PRO A 118 8.74 13.09 -7.63
C PRO A 118 8.84 13.95 -8.87
N PRO A 119 7.75 14.59 -9.29
CA PRO A 119 7.67 15.06 -10.67
C PRO A 119 8.72 16.10 -11.08
N TYR A 120 8.63 17.33 -10.57
CA TYR A 120 9.67 18.30 -10.84
C TYR A 120 9.93 19.21 -9.66
N SER A 121 8.92 19.38 -8.80
CA SER A 121 9.02 20.39 -7.74
C SER A 121 9.95 19.94 -6.62
N HIS A 122 10.07 18.64 -6.41
CA HIS A 122 10.96 18.13 -5.36
C HIS A 122 12.42 18.41 -5.68
N GLN A 123 12.75 18.77 -6.92
CA GLN A 123 14.11 19.20 -7.21
C GLN A 123 14.48 20.46 -6.45
N SER A 124 13.48 21.27 -6.07
CA SER A 124 13.76 22.45 -5.28
C SER A 124 14.25 22.10 -3.88
N SER A 125 13.78 20.99 -3.32
CA SER A 125 14.24 20.57 -1.99
C SER A 125 15.74 20.31 -1.97
N VAL A 126 16.29 19.80 -3.08
CA VAL A 126 17.72 19.57 -3.15
C VAL A 126 18.48 20.90 -3.09
N TRP A 127 17.92 21.95 -3.68
CA TRP A 127 18.61 23.23 -3.71
C TRP A 127 18.88 23.76 -2.31
N PHE A 128 17.95 23.55 -1.38
CA PHE A 128 18.18 23.95 0.00
C PHE A 128 19.34 23.15 0.58
N GLU A 129 19.20 21.83 0.61
CA GLU A 129 20.19 20.98 1.27
C GLU A 129 21.55 21.06 0.60
N MET A 130 21.58 21.26 -0.72
CA MET A 130 22.86 21.36 -1.42
C MET A 130 23.54 22.71 -1.15
N MET A 131 22.76 23.77 -0.95
CA MET A 131 23.34 25.09 -0.76
C MET A 131 24.08 25.19 0.56
N ARG A 132 23.56 24.56 1.62
CA ARG A 132 24.16 24.69 2.93
C ARG A 132 25.57 24.12 2.96
N VAL A 133 25.79 22.97 2.34
CA VAL A 133 27.07 22.28 2.45
C VAL A 133 28.19 23.03 1.76
N TYR A 134 27.90 23.78 0.70
CA TYR A 134 28.93 24.43 -0.10
C TYR A 134 29.10 25.91 0.24
N SER A 135 28.49 26.38 1.33
CA SER A 135 28.75 27.70 1.90
C SER A 135 28.43 28.83 0.93
N TRP A 136 27.14 28.93 0.61
CA TRP A 136 26.61 30.13 -0.04
C TRP A 136 25.16 30.31 0.40
N ASN A 137 24.79 31.56 0.67
CA ASN A 137 23.48 31.87 1.24
C ASN A 137 22.60 32.66 0.29
N HIS A 138 23.05 33.83 -0.18
CA HIS A 138 22.21 34.66 -1.03
C HIS A 138 22.10 34.04 -2.42
N ILE A 139 20.87 33.95 -2.92
CA ILE A 139 20.60 33.35 -4.22
C ILE A 139 19.70 34.28 -5.03
N ILE A 140 19.75 34.10 -6.35
CA ILE A 140 18.81 34.74 -7.27
C ILE A 140 18.15 33.65 -8.09
N LEU A 141 16.83 33.71 -8.21
CA LEU A 141 16.04 32.66 -8.84
C LEU A 141 15.60 33.15 -10.22
N LEU A 142 16.13 32.51 -11.26
CA LEU A 142 15.77 32.82 -12.65
C LEU A 142 14.94 31.67 -13.18
N VAL A 143 13.63 31.89 -13.29
CA VAL A 143 12.68 30.84 -13.63
C VAL A 143 11.82 31.28 -14.80
N SER A 144 11.31 30.30 -15.52
CA SER A 144 10.29 30.54 -16.54
C SER A 144 8.93 30.67 -15.88
N ASP A 145 7.90 30.99 -16.67
CA ASP A 145 6.56 31.08 -16.10
C ASP A 145 5.55 30.65 -17.16
N ASP A 146 5.25 29.35 -17.19
CA ASP A 146 4.00 28.86 -17.75
C ASP A 146 3.19 28.15 -16.68
N HIS A 147 3.73 27.09 -16.08
CA HIS A 147 3.24 26.54 -14.82
C HIS A 147 4.35 26.13 -13.86
N GLU A 148 5.56 25.87 -14.33
CA GLU A 148 6.63 25.42 -13.45
C GLU A 148 7.07 26.55 -12.50
N GLY A 149 7.19 27.77 -13.03
CA GLY A 149 7.59 28.88 -12.19
C GLY A 149 6.61 29.16 -11.07
N ARG A 150 5.31 28.96 -11.33
CA ARG A 150 4.32 29.17 -10.29
C ARG A 150 4.41 28.10 -9.21
N ALA A 151 5.08 26.98 -9.49
CA ALA A 151 5.19 25.87 -8.55
C ALA A 151 6.63 25.65 -8.08
N ALA A 152 7.58 25.53 -9.01
CA ALA A 152 8.96 25.23 -8.61
C ALA A 152 9.55 26.36 -7.78
N GLN A 153 9.31 27.61 -8.18
CA GLN A 153 9.80 28.75 -7.41
C GLN A 153 9.05 28.86 -6.09
N LYS A 154 7.73 28.62 -6.11
CA LYS A 154 6.93 28.77 -4.90
C LYS A 154 7.36 27.79 -3.82
N ARG A 155 7.64 26.54 -4.20
CA ARG A 155 8.01 25.52 -3.21
C ARG A 155 9.32 25.89 -2.51
N LEU A 156 10.31 26.35 -3.28
CA LEU A 156 11.58 26.72 -2.68
C LEU A 156 11.44 27.92 -1.75
N GLU A 157 10.65 28.92 -2.16
CA GLU A 157 10.50 30.12 -1.35
C GLU A 157 9.83 29.81 -0.01
N THR A 158 8.76 29.03 -0.04
CA THR A 158 8.04 28.73 1.19
C THR A 158 8.85 27.78 2.08
N LEU A 159 9.75 26.98 1.51
CA LEU A 159 10.59 26.12 2.30
C LEU A 159 11.75 26.89 2.94
N LEU A 160 12.25 27.90 2.23
CA LEU A 160 13.35 28.72 2.75
C LEU A 160 12.91 29.73 3.81
N GLU A 161 11.60 29.87 4.03
CA GLU A 161 11.12 30.81 5.03
C GLU A 161 11.38 30.34 6.45
N GLU A 162 11.59 29.04 6.65
CA GLU A 162 11.88 28.52 7.98
C GLU A 162 13.27 28.93 8.47
N ARG A 163 14.20 29.19 7.56
CA ARG A 163 15.54 29.64 7.91
C ARG A 163 15.60 31.14 8.13
N GLU A 164 14.53 31.86 7.80
CA GLU A 164 14.43 33.32 7.89
C GLU A 164 15.38 34.03 6.94
N SER A 165 15.86 33.34 5.91
CA SER A 165 16.67 33.93 4.85
C SER A 165 15.82 34.01 3.59
N LYS A 166 15.81 35.17 2.96
CA LYS A 166 14.96 35.42 1.79
C LYS A 166 15.81 35.52 0.53
N ALA A 167 15.28 35.00 -0.57
CA ALA A 167 15.98 35.06 -1.84
C ALA A 167 15.97 36.49 -2.38
N GLU A 168 16.94 36.76 -3.25
CA GLU A 168 17.04 38.07 -3.89
C GLU A 168 16.02 38.18 -5.01
N LYS A 169 16.19 39.18 -5.87
CA LYS A 169 15.21 39.48 -6.93
C LYS A 169 14.89 38.25 -7.76
N VAL A 170 13.64 37.78 -7.67
CA VAL A 170 13.19 36.60 -8.39
C VAL A 170 12.50 37.09 -9.67
N LEU A 171 13.25 37.06 -10.77
CA LEU A 171 12.74 37.52 -12.05
C LEU A 171 12.11 36.35 -12.81
N GLN A 172 11.50 36.67 -13.96
CA GLN A 172 10.83 35.65 -14.75
C GLN A 172 10.74 36.14 -16.19
N PHE A 173 10.25 35.28 -17.07
CA PHE A 173 10.13 35.60 -18.48
C PHE A 173 9.01 34.78 -19.09
N ASP A 174 8.46 35.29 -20.19
CA ASP A 174 7.42 34.57 -20.91
C ASP A 174 8.01 33.36 -21.62
N PRO A 175 7.23 32.29 -21.78
CA PRO A 175 7.74 31.12 -22.50
C PRO A 175 8.03 31.45 -23.96
N GLY A 176 9.09 30.83 -24.48
CA GLY A 176 9.46 31.01 -25.88
C GLY A 176 9.82 32.44 -26.26
N THR A 177 10.58 33.12 -25.41
CA THR A 177 10.95 34.50 -25.66
C THR A 177 12.36 34.56 -26.25
N LYS A 178 12.60 35.60 -27.05
CA LYS A 178 13.89 35.84 -27.67
C LYS A 178 14.40 37.21 -27.26
N ASN A 179 15.72 37.39 -27.36
CA ASN A 179 16.39 38.61 -26.94
C ASN A 179 16.06 38.93 -25.48
N VAL A 180 16.41 37.99 -24.61
CA VAL A 180 16.09 38.08 -23.19
C VAL A 180 17.23 38.78 -22.45
N THR A 181 18.21 39.27 -23.21
CA THR A 181 19.37 39.92 -22.61
C THR A 181 18.97 41.15 -21.80
N ALA A 182 17.89 41.83 -22.19
CA ALA A 182 17.41 42.97 -21.41
C ALA A 182 16.97 42.52 -20.02
N LEU A 183 16.26 41.40 -19.95
CA LEU A 183 15.87 40.85 -18.65
C LEU A 183 17.09 40.35 -17.89
N LEU A 184 18.04 39.71 -18.59
CA LEU A 184 19.24 39.22 -17.93
C LEU A 184 20.13 40.34 -17.44
N MET A 185 20.10 41.49 -18.13
CA MET A 185 20.95 42.62 -17.74
C MET A 185 20.60 43.09 -16.33
N GLU A 186 19.31 43.11 -16.00
CA GLU A 186 18.90 43.49 -14.65
C GLU A 186 19.52 42.55 -13.61
N ALA A 187 19.64 41.27 -13.95
CA ALA A 187 20.26 40.32 -13.04
C ALA A 187 21.78 40.47 -12.98
N LYS A 188 22.39 41.02 -14.03
CA LYS A 188 23.85 41.16 -14.05
C LYS A 188 24.33 42.09 -12.95
N GLU A 189 23.63 43.19 -12.73
CA GLU A 189 23.99 44.15 -11.70
C GLU A 189 23.19 43.83 -10.44
N LEU A 190 23.68 42.86 -9.69
CA LEU A 190 23.03 42.41 -8.46
C LEU A 190 24.12 41.94 -7.49
N GLU A 191 23.72 41.20 -6.47
CA GLU A 191 24.64 40.77 -5.41
C GLU A 191 25.00 39.30 -5.51
N ALA A 192 24.01 38.42 -5.50
CA ALA A 192 24.30 36.98 -5.48
C ALA A 192 24.83 36.51 -6.83
N ARG A 193 25.74 35.54 -6.78
CA ARG A 193 26.39 35.01 -7.97
C ARG A 193 26.16 33.51 -8.11
N VAL A 194 25.04 33.01 -7.61
CA VAL A 194 24.75 31.57 -7.58
C VAL A 194 23.48 31.28 -8.36
N ILE A 195 23.26 32.04 -9.43
CA ILE A 195 22.03 32.02 -10.22
C ILE A 195 21.50 30.61 -10.44
N ILE A 196 20.22 30.41 -10.13
CA ILE A 196 19.55 29.11 -10.27
C ILE A 196 18.65 29.18 -11.48
N LEU A 197 18.76 28.17 -12.35
CA LEU A 197 17.99 28.11 -13.58
C LEU A 197 17.02 26.94 -13.52
N SER A 198 15.77 27.19 -13.91
CA SER A 198 14.75 26.14 -13.95
C SER A 198 13.71 26.55 -14.99
N ALA A 199 13.78 25.94 -16.16
CA ALA A 199 12.90 26.30 -17.27
C ALA A 199 12.62 25.06 -18.09
N SER A 200 12.09 25.26 -19.31
CA SER A 200 11.80 24.16 -20.20
C SER A 200 13.01 23.86 -21.08
N GLU A 201 12.89 22.84 -21.93
CA GLU A 201 14.00 22.41 -22.76
C GLU A 201 14.38 23.48 -23.78
N ASP A 202 13.44 23.84 -24.65
CA ASP A 202 13.74 24.82 -25.69
C ASP A 202 14.07 26.18 -25.08
N ASP A 203 13.39 26.55 -24.00
CA ASP A 203 13.63 27.86 -23.39
C ASP A 203 15.05 27.96 -22.83
N ALA A 204 15.54 26.88 -22.19
CA ALA A 204 16.84 26.94 -21.54
C ALA A 204 17.95 27.18 -22.55
N ALA A 205 17.83 26.62 -23.76
CA ALA A 205 18.84 26.83 -24.77
C ALA A 205 18.98 28.30 -25.13
N THR A 206 17.88 29.05 -25.11
CA THR A 206 17.94 30.48 -25.42
C THR A 206 18.78 31.22 -24.38
N VAL A 207 18.60 30.91 -23.10
CA VAL A 207 19.34 31.59 -22.05
C VAL A 207 20.83 31.30 -22.16
N TYR A 208 21.18 30.04 -22.47
CA TYR A 208 22.59 29.64 -22.48
C TYR A 208 23.37 30.42 -23.54
N ARG A 209 22.87 30.43 -24.77
CA ARG A 209 23.61 31.11 -25.85
C ARG A 209 23.57 32.61 -25.69
N ALA A 210 22.54 33.15 -25.04
CA ALA A 210 22.49 34.60 -24.80
C ALA A 210 23.46 35.01 -23.70
N ALA A 211 23.56 34.21 -22.64
CA ALA A 211 24.44 34.55 -21.53
C ALA A 211 25.91 34.49 -21.94
N ALA A 212 26.25 33.66 -22.92
CA ALA A 212 27.63 33.57 -23.37
C ALA A 212 28.09 34.88 -24.00
N MET A 213 27.23 35.53 -24.78
CA MET A 213 27.58 36.78 -25.43
C MET A 213 27.72 37.94 -24.45
N LEU A 214 27.22 37.79 -23.22
CA LEU A 214 27.33 38.83 -22.20
C LEU A 214 28.43 38.53 -21.19
N ASN A 215 29.32 37.58 -21.51
CA ASN A 215 30.40 37.11 -20.64
C ASN A 215 29.95 37.01 -19.18
N MET A 216 28.85 36.29 -18.98
CA MET A 216 28.30 36.07 -17.66
C MET A 216 28.80 34.78 -17.01
N THR A 217 29.52 33.93 -17.74
CA THR A 217 30.10 32.70 -17.18
C THR A 217 31.58 32.67 -17.54
N GLY A 218 32.41 33.35 -16.74
CA GLY A 218 33.83 33.28 -16.94
C GLY A 218 34.62 32.88 -15.71
N SER A 219 34.13 33.22 -14.52
CA SER A 219 34.82 32.91 -13.28
C SER A 219 33.92 33.25 -12.11
N GLY A 220 33.86 32.35 -11.13
CA GLY A 220 33.20 32.63 -9.87
C GLY A 220 31.72 32.89 -9.95
N TYR A 221 31.10 32.57 -11.08
CA TYR A 221 29.66 32.71 -11.27
C TYR A 221 29.10 31.30 -11.41
N VAL A 222 28.77 30.67 -10.28
CA VAL A 222 28.33 29.28 -10.29
C VAL A 222 26.89 29.20 -10.81
N TRP A 223 26.55 28.02 -11.33
CA TRP A 223 25.23 27.77 -11.88
C TRP A 223 24.62 26.53 -11.23
N LEU A 224 23.29 26.51 -11.20
CA LEU A 224 22.55 25.37 -10.68
C LEU A 224 21.32 25.19 -11.55
N VAL A 225 21.14 24.00 -12.12
CA VAL A 225 20.08 23.76 -13.08
C VAL A 225 19.33 22.49 -12.71
N GLY A 226 18.10 22.39 -13.22
CA GLY A 226 17.28 21.21 -13.00
C GLY A 226 17.61 20.10 -13.98
N GLU A 227 16.82 19.02 -13.89
CA GLU A 227 17.05 17.87 -14.76
C GLU A 227 16.80 18.20 -16.22
N ARG A 228 15.71 18.93 -16.51
CA ARG A 228 15.36 19.22 -17.89
C ARG A 228 16.25 20.30 -18.50
N GLU A 229 16.83 21.17 -17.68
CA GLU A 229 17.65 22.26 -18.20
C GLU A 229 18.88 21.71 -18.94
N ILE A 230 19.52 20.69 -18.38
CA ILE A 230 20.68 20.09 -19.03
C ILE A 230 20.24 19.14 -20.14
N SER A 231 19.52 18.07 -19.78
CA SER A 231 18.92 17.10 -20.69
C SER A 231 19.78 16.79 -21.91
N GLY A 232 19.18 16.88 -23.10
CA GLY A 232 19.84 16.54 -24.34
C GLY A 232 20.38 17.70 -25.15
N ASN A 233 20.31 18.93 -24.64
CA ASN A 233 20.86 20.08 -25.33
C ASN A 233 22.14 20.59 -24.68
N ALA A 234 22.79 19.76 -23.87
CA ALA A 234 24.06 20.10 -23.26
C ALA A 234 25.25 19.71 -24.13
N LEU A 235 24.99 19.12 -25.31
CA LEU A 235 26.09 18.70 -26.19
C LEU A 235 26.78 19.88 -26.84
N ARG A 236 26.03 20.93 -27.21
CA ARG A 236 26.63 22.05 -27.93
C ARG A 236 26.13 23.41 -27.46
N TYR A 237 25.36 23.49 -26.38
CA TYR A 237 24.80 24.76 -25.93
C TYR A 237 24.87 24.88 -24.41
N ALA A 238 26.00 24.51 -23.82
CA ALA A 238 26.15 24.57 -22.37
C ALA A 238 27.52 25.08 -22.00
N PRO A 239 27.64 25.76 -20.85
CA PRO A 239 28.97 26.15 -20.35
C PRO A 239 29.68 24.99 -19.68
N ASP A 240 30.82 25.26 -19.06
CA ASP A 240 31.61 24.23 -18.39
C ASP A 240 31.46 24.39 -16.88
N GLY A 241 30.75 23.47 -16.24
CA GLY A 241 30.66 23.44 -14.80
C GLY A 241 29.27 23.63 -14.22
N ILE A 242 28.24 23.27 -14.97
CA ILE A 242 26.86 23.36 -14.49
C ILE A 242 26.53 22.08 -13.72
N LEU A 243 26.06 22.23 -12.48
CA LEU A 243 25.78 21.09 -11.61
C LEU A 243 24.30 20.74 -11.75
N GLY A 244 24.00 19.82 -12.66
CA GLY A 244 22.64 19.40 -12.89
C GLY A 244 22.20 18.30 -11.94
N LEU A 245 21.03 17.74 -12.25
CA LEU A 245 20.47 16.64 -11.48
C LEU A 245 19.84 15.63 -12.43
N GLN A 246 19.87 14.37 -12.04
CA GLN A 246 19.29 13.30 -12.85
C GLN A 246 18.71 12.23 -11.93
N LEU A 247 17.48 11.80 -12.22
CA LEU A 247 16.86 10.74 -11.44
C LEU A 247 17.60 9.43 -11.69
N ILE A 248 17.70 8.61 -10.64
CA ILE A 248 18.54 7.41 -10.72
C ILE A 248 17.94 6.36 -11.66
N ASN A 249 16.61 6.33 -11.78
CA ASN A 249 15.94 5.33 -12.61
C ASN A 249 15.27 5.96 -13.83
N GLY A 250 14.35 6.90 -13.61
CA GLY A 250 13.70 7.61 -14.69
C GLY A 250 13.04 6.71 -15.72
N LYS A 251 13.61 6.68 -16.92
CA LYS A 251 13.05 5.91 -18.04
C LYS A 251 13.50 4.45 -17.95
N ASN A 252 12.91 3.75 -16.98
CA ASN A 252 13.17 2.33 -16.75
C ASN A 252 11.86 1.59 -16.56
N GLU A 253 10.93 1.81 -17.49
CA GLU A 253 9.56 1.29 -17.36
C GLU A 253 9.50 -0.20 -17.08
N SER A 254 10.55 -0.95 -17.44
CA SER A 254 10.55 -2.38 -17.15
C SER A 254 10.52 -2.65 -15.66
N ALA A 255 11.28 -1.87 -14.88
CA ALA A 255 11.34 -2.09 -13.44
C ALA A 255 10.08 -1.58 -12.73
N HIS A 256 9.55 -0.44 -13.18
CA HIS A 256 8.43 0.19 -12.47
C HIS A 256 7.19 -0.69 -12.52
N ILE A 257 6.93 -1.34 -13.65
CA ILE A 257 5.75 -2.19 -13.77
C ILE A 257 5.83 -3.35 -12.79
N SER A 258 7.02 -3.91 -12.61
CA SER A 258 7.19 -5.01 -11.66
C SER A 258 6.99 -4.57 -10.21
N ASP A 259 6.98 -3.27 -9.94
CA ASP A 259 6.72 -2.76 -8.60
C ASP A 259 5.39 -2.01 -8.47
N ALA A 260 4.88 -1.46 -9.57
CA ALA A 260 3.56 -0.82 -9.52
C ALA A 260 2.48 -1.85 -9.18
N VAL A 261 2.56 -3.04 -9.78
CA VAL A 261 1.64 -4.11 -9.43
C VAL A 261 1.94 -4.71 -8.06
N GLY A 262 3.14 -4.47 -7.52
CA GLY A 262 3.47 -4.96 -6.20
C GLY A 262 2.82 -4.20 -5.06
N VAL A 263 2.40 -2.97 -5.31
CA VAL A 263 1.69 -2.18 -4.31
C VAL A 263 0.18 -2.30 -4.49
N VAL A 264 -0.29 -2.35 -5.74
CA VAL A 264 -1.71 -2.48 -5.99
C VAL A 264 -2.22 -3.84 -5.49
N ALA A 265 -1.47 -4.90 -5.79
CA ALA A 265 -1.90 -6.24 -5.37
C ALA A 265 -1.93 -6.36 -3.85
N GLN A 266 -0.99 -5.72 -3.16
CA GLN A 266 -1.00 -5.72 -1.70
C GLN A 266 -2.24 -5.04 -1.15
N ALA A 267 -2.65 -3.92 -1.77
CA ALA A 267 -3.72 -3.10 -1.22
C ALA A 267 -5.11 -3.52 -1.68
N VAL A 268 -5.24 -4.16 -2.85
CA VAL A 268 -6.57 -4.52 -3.33
C VAL A 268 -7.22 -5.54 -2.40
N HIS A 269 -6.47 -6.56 -2.00
CA HIS A 269 -7.03 -7.63 -1.20
C HIS A 269 -7.24 -7.22 0.26
N GLU A 270 -6.44 -6.28 0.76
CA GLU A 270 -6.70 -5.71 2.09
C GLU A 270 -8.08 -5.06 2.14
N LEU A 271 -8.42 -4.30 1.10
CA LEU A 271 -9.76 -3.74 1.00
C LEU A 271 -10.81 -4.82 0.85
N LEU A 272 -10.48 -5.90 0.13
CA LEU A 272 -11.43 -6.98 -0.06
C LEU A 272 -11.83 -7.62 1.25
N GLU A 273 -10.96 -7.55 2.27
CA GLU A 273 -11.30 -8.01 3.61
C GLU A 273 -11.85 -6.80 4.36
N LYS A 274 -13.16 -6.62 4.30
CA LYS A 274 -13.86 -5.50 4.91
C LYS A 274 -15.34 -5.79 4.88
N GLU A 275 -16.14 -4.81 5.31
CA GLU A 275 -17.58 -4.98 5.43
C GLU A 275 -18.33 -4.54 4.17
N ASN A 276 -18.15 -3.27 3.78
CA ASN A 276 -18.90 -2.68 2.66
C ASN A 276 -17.98 -2.69 1.44
N ILE A 277 -18.14 -3.72 0.61
CA ILE A 277 -17.40 -3.84 -0.65
C ILE A 277 -18.37 -3.70 -1.80
N THR A 278 -18.09 -2.77 -2.71
CA THR A 278 -18.91 -2.55 -3.89
C THR A 278 -18.02 -2.58 -5.12
N ASP A 279 -18.42 -3.36 -6.12
CA ASP A 279 -17.69 -3.42 -7.38
C ASP A 279 -17.95 -2.14 -8.18
N PRO A 280 -17.07 -1.81 -9.13
CA PRO A 280 -17.24 -0.58 -9.88
C PRO A 280 -18.20 -0.74 -11.04
N PRO A 281 -18.70 0.34 -11.62
CA PRO A 281 -19.77 0.22 -12.62
C PRO A 281 -19.30 -0.52 -13.86
N ARG A 282 -20.21 -1.30 -14.44
CA ARG A 282 -19.88 -2.17 -15.54
C ARG A 282 -19.65 -1.40 -16.84
N GLY A 283 -20.51 -0.44 -17.13
CA GLY A 283 -20.43 0.29 -18.38
C GLY A 283 -20.48 1.79 -18.17
N CYS A 284 -19.80 2.51 -19.06
CA CYS A 284 -19.80 3.97 -18.99
C CYS A 284 -21.19 4.54 -19.28
N VAL A 285 -21.80 4.11 -20.37
CA VAL A 285 -23.09 4.65 -20.79
C VAL A 285 -24.19 4.02 -19.95
N GLY A 286 -25.11 4.85 -19.46
CA GLY A 286 -26.24 4.41 -18.68
C GLY A 286 -26.05 4.48 -17.18
N ASN A 287 -24.84 4.74 -16.71
CA ASN A 287 -24.55 4.83 -15.29
C ASN A 287 -23.97 6.20 -14.96
N THR A 288 -24.44 6.79 -13.85
CA THR A 288 -23.93 8.07 -13.40
C THR A 288 -23.75 8.08 -11.88
N ASN A 289 -23.48 6.93 -11.29
CA ASN A 289 -23.33 6.79 -9.84
C ASN A 289 -21.86 6.67 -9.49
N ILE A 290 -21.44 7.44 -8.49
CA ILE A 290 -20.05 7.38 -8.03
C ILE A 290 -19.80 6.06 -7.33
N TRP A 291 -18.62 5.48 -7.60
CA TRP A 291 -18.22 4.26 -6.91
C TRP A 291 -18.11 4.52 -5.42
N LYS A 292 -18.96 3.84 -4.64
CA LYS A 292 -19.10 4.17 -3.23
C LYS A 292 -17.80 3.97 -2.45
N THR A 293 -17.09 2.87 -2.71
CA THR A 293 -15.88 2.53 -1.98
C THR A 293 -14.63 3.13 -2.60
N GLY A 294 -14.78 3.98 -3.62
CA GLY A 294 -13.64 4.59 -4.27
C GLY A 294 -12.76 5.42 -3.35
N PRO A 295 -13.37 6.31 -2.56
CA PRO A 295 -12.56 7.05 -1.58
C PRO A 295 -11.83 6.17 -0.59
N LEU A 296 -12.43 5.04 -0.19
CA LEU A 296 -11.75 4.14 0.74
C LEU A 296 -10.53 3.51 0.11
N PHE A 297 -10.65 3.05 -1.15
CA PHE A 297 -9.52 2.41 -1.82
C PHE A 297 -8.37 3.40 -2.01
N LYS A 298 -8.68 4.64 -2.35
CA LYS A 298 -7.65 5.64 -2.55
C LYS A 298 -6.88 5.91 -1.26
N ARG A 299 -7.58 5.95 -0.13
CA ARG A 299 -6.93 6.28 1.13
C ARG A 299 -5.96 5.18 1.57
N VAL A 300 -6.40 3.92 1.53
CA VAL A 300 -5.55 2.82 1.99
C VAL A 300 -4.36 2.65 1.06
N LEU A 301 -4.59 2.80 -0.25
CA LEU A 301 -3.50 2.66 -1.21
C LEU A 301 -2.45 3.75 -1.02
N MET A 302 -2.87 4.93 -0.60
CA MET A 302 -1.95 6.05 -0.44
C MET A 302 -1.09 5.91 0.81
N SER A 303 -1.61 5.30 1.87
CA SER A 303 -0.92 5.28 3.15
C SER A 303 0.06 4.12 3.26
N SER A 304 -0.43 2.89 3.13
CA SER A 304 0.37 1.71 3.44
C SER A 304 1.59 1.58 2.55
N LYS A 305 1.38 1.32 1.26
CA LYS A 305 2.47 1.08 0.31
C LYS A 305 3.52 0.14 0.89
N TYR A 306 4.75 0.63 1.01
CA TYR A 306 5.86 -0.03 1.68
C TYR A 306 6.34 -1.30 1.00
N ALA A 307 5.89 -1.58 -0.22
CA ALA A 307 6.35 -2.77 -0.93
C ALA A 307 7.83 -2.62 -1.29
N ASP A 308 8.68 -3.44 -0.68
CA ASP A 308 10.12 -3.37 -0.89
C ASP A 308 10.47 -4.10 -2.18
N GLY A 309 10.69 -3.34 -3.25
CA GLY A 309 10.95 -3.92 -4.56
C GLY A 309 12.26 -3.49 -5.17
N VAL A 310 12.35 -3.57 -6.50
CA VAL A 310 13.60 -3.29 -7.19
C VAL A 310 13.87 -1.80 -7.35
N THR A 311 12.84 -0.96 -7.26
CA THR A 311 13.01 0.48 -7.41
C THR A 311 13.40 1.17 -6.11
N GLY A 312 13.56 0.43 -5.02
CA GLY A 312 13.91 1.02 -3.74
C GLY A 312 12.90 0.69 -2.66
N ARG A 313 12.18 1.71 -2.18
CA ARG A 313 11.18 1.52 -1.14
C ARG A 313 10.09 2.56 -1.37
N VAL A 314 8.98 2.13 -1.95
CA VAL A 314 7.89 3.03 -2.29
C VAL A 314 7.13 3.41 -1.03
N GLU A 315 6.87 4.71 -0.87
CA GLU A 315 6.10 5.20 0.27
C GLU A 315 5.47 6.52 -0.15
N PHE A 316 4.18 6.48 -0.48
CA PHE A 316 3.48 7.66 -0.97
C PHE A 316 3.34 8.71 0.11
N ASN A 317 3.31 9.98 -0.30
CA ASN A 317 3.18 11.10 0.62
C ASN A 317 1.71 11.42 0.84
N GLU A 318 1.43 12.58 1.43
CA GLU A 318 0.08 12.95 1.81
C GLU A 318 -0.81 13.34 0.64
N ASP A 319 -0.24 13.57 -0.56
CA ASP A 319 -1.05 14.07 -1.66
C ASP A 319 -0.72 13.43 -3.01
N GLY A 320 -0.14 12.23 -3.03
CA GLY A 320 0.23 11.64 -4.30
C GLY A 320 1.69 11.27 -4.43
N ASP A 321 2.41 12.04 -5.25
CA ASP A 321 3.78 11.76 -5.67
C ASP A 321 4.62 11.12 -4.58
N ARG A 322 5.30 10.04 -4.93
CA ARG A 322 6.11 9.28 -3.99
C ARG A 322 7.28 10.11 -3.48
N LYS A 323 7.57 9.96 -2.19
CA LYS A 323 8.69 10.64 -1.56
C LYS A 323 9.87 9.68 -1.42
N PHE A 324 10.96 10.19 -0.83
CA PHE A 324 12.16 9.41 -0.58
C PHE A 324 12.73 8.82 -1.88
N ALA A 325 13.14 9.71 -2.77
CA ALA A 325 13.73 9.32 -4.04
C ALA A 325 15.24 9.42 -4.01
N ASN A 326 15.88 8.69 -4.92
CA ASN A 326 17.34 8.66 -5.02
C ASN A 326 17.76 9.52 -6.20
N TYR A 327 18.37 10.66 -5.91
CA TYR A 327 18.87 11.55 -6.94
C TYR A 327 20.36 11.31 -7.17
N SER A 328 20.94 12.09 -8.09
CA SER A 328 22.36 12.00 -8.38
C SER A 328 22.81 13.34 -8.93
N ILE A 329 23.93 13.84 -8.42
CA ILE A 329 24.45 15.14 -8.82
C ILE A 329 25.38 14.96 -10.01
N MET A 330 25.08 15.66 -11.10
CA MET A 330 25.89 15.59 -12.31
C MET A 330 26.89 16.74 -12.33
N ASN A 331 27.68 16.80 -13.40
CA ASN A 331 28.62 17.89 -13.63
C ASN A 331 29.08 17.80 -15.08
N LEU A 332 29.52 18.94 -15.61
CA LEU A 332 29.94 19.05 -17.00
C LEU A 332 31.42 19.40 -17.05
N GLN A 333 32.21 18.53 -17.67
CA GLN A 333 33.66 18.70 -17.75
C GLN A 333 34.10 18.26 -19.14
N ASN A 334 34.50 19.22 -19.98
CA ASN A 334 34.95 18.92 -21.34
C ASN A 334 33.90 18.13 -22.10
N ARG A 335 32.65 18.61 -22.04
CA ARG A 335 31.51 17.98 -22.70
C ARG A 335 31.32 16.54 -22.25
N LYS A 336 31.45 16.29 -20.95
CA LYS A 336 31.24 14.98 -20.37
C LYS A 336 30.33 15.11 -19.15
N LEU A 337 29.90 13.98 -18.61
CA LEU A 337 28.87 13.93 -17.57
C LEU A 337 29.35 13.11 -16.38
N VAL A 338 30.55 13.40 -15.89
CA VAL A 338 31.10 12.67 -14.76
C VAL A 338 30.27 12.93 -13.51
N GLN A 339 30.05 11.88 -12.72
CA GLN A 339 29.29 12.00 -11.49
C GLN A 339 30.12 12.69 -10.41
N VAL A 340 29.43 13.30 -9.45
CA VAL A 340 30.11 14.06 -8.40
C VAL A 340 29.68 13.56 -7.02
N GLY A 341 28.45 13.05 -6.93
CA GLY A 341 27.94 12.66 -5.64
C GLY A 341 26.67 11.86 -5.74
N ILE A 342 25.99 11.72 -4.62
CA ILE A 342 24.78 10.91 -4.52
C ILE A 342 23.89 11.49 -3.42
N TYR A 343 22.59 11.57 -3.71
CA TYR A 343 21.59 12.01 -2.75
C TYR A 343 20.69 10.82 -2.44
N ASN A 344 20.66 10.41 -1.17
CA ASN A 344 19.77 9.34 -0.73
C ASN A 344 18.53 9.88 -0.03
N GLY A 345 18.71 10.61 1.06
CA GLY A 345 17.61 11.27 1.73
C GLY A 345 18.06 12.19 2.85
N THR A 346 17.58 13.42 2.83
CA THR A 346 17.85 14.43 3.87
C THR A 346 19.34 14.65 4.10
N HIS A 347 20.19 14.21 3.18
CA HIS A 347 21.63 14.37 3.33
C HIS A 347 22.35 14.07 2.03
N VAL A 348 23.25 14.96 1.61
CA VAL A 348 24.04 14.75 0.40
C VAL A 348 25.34 14.07 0.79
N ILE A 349 25.71 13.02 0.07
CA ILE A 349 26.94 12.27 0.30
C ILE A 349 27.92 12.65 -0.80
N PRO A 350 29.02 13.34 -0.49
CA PRO A 350 30.01 13.66 -1.53
C PRO A 350 30.80 12.44 -1.96
N ASN A 351 31.77 12.64 -2.85
CA ASN A 351 32.57 11.54 -3.37
C ASN A 351 34.06 11.86 -3.25
N ASP A 352 34.90 11.01 -3.87
CA ASP A 352 36.34 11.19 -3.85
C ASP A 352 36.85 11.87 -5.12
N ARG A 353 35.96 12.40 -5.95
CA ARG A 353 36.35 13.01 -7.22
C ARG A 353 36.27 14.53 -7.10
N LYS A 354 37.38 15.19 -7.42
CA LYS A 354 37.40 16.65 -7.45
C LYS A 354 36.59 17.16 -8.63
N ILE A 355 35.97 18.32 -8.44
CA ILE A 355 35.10 18.91 -9.45
C ILE A 355 35.72 20.21 -9.95
N ILE A 356 35.26 20.65 -11.11
CA ILE A 356 35.75 21.85 -11.76
C ILE A 356 34.62 22.86 -11.86
N TRP A 357 34.87 24.07 -11.39
CA TRP A 357 33.89 25.14 -11.36
C TRP A 357 33.95 25.94 -12.66
N PRO A 358 32.96 26.82 -12.90
CA PRO A 358 32.93 27.54 -14.18
C PRO A 358 34.07 28.54 -14.34
N GLY A 359 35.23 28.05 -14.76
CA GLY A 359 36.40 28.89 -14.91
C GLY A 359 37.70 28.16 -14.59
N GLY A 360 37.58 26.93 -14.10
CA GLY A 360 38.73 26.14 -13.76
C GLY A 360 39.30 26.38 -12.38
N GLU A 361 38.69 27.26 -11.59
CA GLU A 361 39.15 27.56 -10.24
C GLU A 361 38.73 26.41 -9.32
N THR A 362 39.64 25.46 -9.12
CA THR A 362 39.37 24.28 -8.29
C THR A 362 39.39 24.70 -6.83
N GLU A 363 38.30 25.29 -6.38
CA GLU A 363 38.15 25.77 -5.01
C GLU A 363 36.67 25.96 -4.73
N LYS A 364 36.35 26.64 -3.62
CA LYS A 364 34.97 26.98 -3.32
C LYS A 364 34.78 28.45 -3.61
N PRO A 365 34.14 28.82 -4.73
CA PRO A 365 33.99 30.24 -5.05
C PRO A 365 33.08 30.95 -4.07
N ARG A 366 33.39 32.22 -3.83
CA ARG A 366 32.60 33.03 -2.91
C ARG A 366 31.37 33.56 -3.65
N GLY A 367 30.18 33.15 -3.19
CA GLY A 367 28.96 33.64 -3.81
C GLY A 367 28.76 35.13 -3.60
N TYR A 368 29.10 35.63 -2.42
CA TYR A 368 28.92 37.05 -2.12
C TYR A 368 29.89 37.89 -2.94
N GLN A 369 29.37 38.97 -3.53
CA GLN A 369 30.20 39.91 -4.29
C GLN A 369 29.43 41.20 -4.56
N LEU B 1 -24.89 31.35 -38.13
CA LEU B 1 -24.78 30.95 -36.73
C LEU B 1 -25.91 29.99 -36.34
N ASN B 2 -25.54 28.91 -35.67
CA ASN B 2 -26.49 27.88 -35.25
C ASN B 2 -26.21 27.48 -33.80
N ILE B 3 -26.09 28.48 -32.93
CA ILE B 3 -25.83 28.22 -31.51
C ILE B 3 -26.93 27.36 -30.94
N ALA B 4 -26.55 26.30 -30.22
CA ALA B 4 -27.48 25.32 -29.68
C ALA B 4 -27.41 25.29 -28.16
N VAL B 5 -28.53 24.98 -27.54
CA VAL B 5 -28.62 24.84 -26.09
C VAL B 5 -29.03 23.41 -25.77
N MET B 6 -28.71 22.96 -24.56
CA MET B 6 -28.96 21.57 -24.18
C MET B 6 -29.17 21.52 -22.67
N LEU B 7 -30.42 21.41 -22.24
CA LEU B 7 -30.79 21.18 -20.86
C LEU B 7 -31.43 19.81 -20.73
N GLY B 8 -31.95 19.50 -19.55
CA GLY B 8 -32.67 18.25 -19.39
C GLY B 8 -33.44 18.08 -18.09
N HIS B 9 -34.72 17.72 -18.21
CA HIS B 9 -35.60 17.35 -17.10
C HIS B 9 -35.38 18.25 -15.90
N SER B 10 -35.51 19.55 -16.13
CA SER B 10 -35.22 20.57 -15.13
C SER B 10 -36.50 21.33 -14.80
N HIS B 11 -36.34 22.42 -14.03
CA HIS B 11 -37.48 23.24 -13.66
C HIS B 11 -38.25 23.73 -14.88
N ASP B 12 -37.55 24.00 -15.98
CA ASP B 12 -38.20 24.33 -17.25
C ASP B 12 -38.56 23.04 -17.98
N VAL B 13 -39.58 22.37 -17.45
CA VAL B 13 -40.02 21.08 -17.97
C VAL B 13 -41.02 21.30 -19.10
N THR B 14 -41.16 22.55 -19.54
CA THR B 14 -42.11 22.86 -20.60
C THR B 14 -41.76 22.12 -21.89
N GLU B 15 -40.48 22.10 -22.25
CA GLU B 15 -39.98 21.38 -23.42
C GLU B 15 -40.58 21.94 -24.71
N ARG B 16 -41.88 21.69 -24.94
CA ARG B 16 -42.55 22.24 -26.10
C ARG B 16 -42.62 23.75 -26.03
N GLU B 17 -42.92 24.29 -24.85
CA GLU B 17 -42.94 25.74 -24.64
C GLU B 17 -41.57 26.30 -24.30
N LEU B 18 -40.54 25.45 -24.20
CA LEU B 18 -39.19 25.95 -23.96
C LEU B 18 -38.67 26.78 -25.11
N ARG B 19 -39.27 26.68 -26.29
CA ARG B 19 -38.86 27.47 -27.45
C ARG B 19 -39.48 28.87 -27.38
N THR B 20 -39.13 29.59 -26.31
CA THR B 20 -39.57 30.95 -26.10
C THR B 20 -38.44 31.97 -26.17
N LEU B 21 -37.20 31.55 -25.96
CA LEU B 21 -36.04 32.42 -26.06
C LEU B 21 -35.47 32.30 -27.47
N TRP B 22 -35.63 33.35 -28.26
CA TRP B 22 -35.21 33.46 -29.66
C TRP B 22 -35.99 32.56 -30.60
N GLY B 23 -36.91 31.74 -30.09
CA GLY B 23 -37.84 31.03 -30.93
C GLY B 23 -38.76 31.98 -31.67
N PRO B 24 -39.39 32.89 -30.93
CA PRO B 24 -40.08 34.02 -31.59
C PRO B 24 -39.09 35.09 -32.01
N GLU B 25 -39.60 36.24 -32.47
CA GLU B 25 -38.73 37.32 -32.93
C GLU B 25 -37.76 37.75 -31.84
N GLN B 26 -38.24 37.82 -30.59
CA GLN B 26 -37.43 38.18 -29.43
C GLN B 26 -36.83 39.57 -29.69
N ALA B 27 -35.50 39.72 -29.71
CA ALA B 27 -34.86 41.01 -29.95
C ALA B 27 -34.10 40.92 -31.27
N ALA B 28 -34.80 41.18 -32.38
CA ALA B 28 -34.20 41.14 -33.71
C ALA B 28 -33.68 42.52 -34.10
N GLY B 29 -32.81 43.05 -33.25
CA GLY B 29 -32.21 44.35 -33.48
C GLY B 29 -30.75 44.29 -33.85
N LEU B 30 -30.22 43.08 -34.01
CA LEU B 30 -28.82 42.88 -34.34
C LEU B 30 -28.68 42.07 -35.62
N PRO B 31 -27.60 42.28 -36.37
CA PRO B 31 -27.38 41.50 -37.59
C PRO B 31 -26.94 40.08 -37.30
N LEU B 32 -26.57 39.32 -38.33
CA LEU B 32 -26.10 37.94 -38.21
C LEU B 32 -27.18 37.07 -37.55
N ASP B 33 -28.28 36.92 -38.30
CA ASP B 33 -29.40 36.10 -37.85
C ASP B 33 -28.94 34.69 -37.49
N VAL B 34 -29.38 34.22 -36.32
CA VAL B 34 -28.95 32.95 -35.77
C VAL B 34 -30.16 32.09 -35.48
N ASN B 35 -30.11 30.82 -35.91
CA ASN B 35 -31.14 29.85 -35.59
C ASN B 35 -30.69 29.02 -34.39
N VAL B 36 -31.61 28.82 -33.45
CA VAL B 36 -31.31 28.14 -32.19
C VAL B 36 -32.11 26.85 -32.13
N VAL B 37 -31.43 25.75 -31.80
CA VAL B 37 -32.07 24.45 -31.65
C VAL B 37 -31.90 24.01 -30.21
N ALA B 38 -32.96 23.44 -29.65
CA ALA B 38 -32.96 22.97 -28.27
C ALA B 38 -32.99 21.44 -28.24
N LEU B 39 -32.33 20.88 -27.23
CA LEU B 39 -32.20 19.44 -27.08
C LEU B 39 -32.74 19.01 -25.72
N LEU B 40 -32.51 17.75 -25.38
CA LEU B 40 -32.96 17.19 -24.11
C LEU B 40 -32.06 16.02 -23.74
N MET B 41 -31.85 15.82 -22.44
CA MET B 41 -31.00 14.75 -21.97
C MET B 41 -31.32 14.46 -20.51
N ASN B 42 -31.31 13.17 -20.15
CA ASN B 42 -31.61 12.74 -18.79
C ASN B 42 -30.36 12.36 -18.00
N ARG B 43 -29.46 11.59 -18.60
CA ARG B 43 -28.23 11.16 -17.94
C ARG B 43 -27.02 11.71 -18.69
N THR B 44 -25.95 11.95 -17.95
CA THR B 44 -24.71 12.52 -18.50
C THR B 44 -23.55 11.60 -18.17
N ASP B 45 -23.18 10.73 -19.12
CA ASP B 45 -22.01 9.89 -19.05
C ASP B 45 -20.97 10.37 -20.05
N PRO B 46 -19.68 10.19 -19.75
CA PRO B 46 -18.64 10.78 -20.63
C PRO B 46 -18.74 10.33 -22.07
N LYS B 47 -18.95 9.04 -22.32
CA LYS B 47 -19.08 8.57 -23.70
C LYS B 47 -20.28 9.21 -24.38
N SER B 48 -21.42 9.28 -23.68
CA SER B 48 -22.58 9.94 -24.24
C SER B 48 -22.31 11.42 -24.51
N LEU B 49 -21.58 12.07 -23.60
CA LEU B 49 -21.25 13.49 -23.79
C LEU B 49 -20.43 13.70 -25.05
N ILE B 50 -19.34 12.92 -25.22
CA ILE B 50 -18.50 13.08 -26.39
C ILE B 50 -19.29 12.78 -27.66
N THR B 51 -20.07 11.69 -27.65
CA THR B 51 -20.82 11.32 -28.84
C THR B 51 -21.82 12.40 -29.22
N HIS B 52 -22.55 12.93 -28.23
CA HIS B 52 -23.54 13.96 -28.52
C HIS B 52 -22.88 15.22 -29.07
N VAL B 53 -21.83 15.70 -28.41
CA VAL B 53 -21.20 16.94 -28.84
C VAL B 53 -20.59 16.79 -30.23
N CYS B 54 -19.92 15.67 -30.48
CA CYS B 54 -19.26 15.50 -31.78
C CYS B 54 -20.27 15.23 -32.89
N ASP B 55 -21.39 14.57 -32.58
CA ASP B 55 -22.44 14.39 -33.58
C ASP B 55 -23.10 15.71 -33.92
N LEU B 56 -23.33 16.56 -32.91
CA LEU B 56 -23.82 17.91 -33.18
C LEU B 56 -22.82 18.69 -34.03
N MET B 57 -21.52 18.48 -33.78
CA MET B 57 -20.50 19.04 -34.66
C MET B 57 -20.61 18.48 -36.06
N SER B 58 -20.84 17.17 -36.19
CA SER B 58 -20.94 16.55 -37.51
C SER B 58 -22.26 16.87 -38.18
N GLY B 59 -23.32 17.13 -37.42
CA GLY B 59 -24.60 17.48 -37.98
C GLY B 59 -24.68 18.95 -38.32
N ALA B 60 -25.75 19.62 -37.88
CA ALA B 60 -25.85 21.06 -38.06
C ALA B 60 -24.69 21.75 -37.38
N ARG B 61 -23.85 22.41 -38.17
CA ARG B 61 -22.64 23.05 -37.66
C ARG B 61 -23.00 24.07 -36.59
N ILE B 62 -22.24 24.08 -35.49
CA ILE B 62 -22.54 24.90 -34.33
C ILE B 62 -21.32 25.75 -34.00
N HIS B 63 -21.57 27.03 -33.71
CA HIS B 63 -20.53 27.95 -33.28
C HIS B 63 -20.53 28.15 -31.77
N GLY B 64 -21.30 27.36 -31.03
CA GLY B 64 -21.33 27.48 -29.58
C GLY B 64 -22.27 26.43 -29.02
N LEU B 65 -22.29 26.35 -27.69
CA LEU B 65 -23.14 25.37 -27.01
C LEU B 65 -23.32 25.82 -25.57
N VAL B 66 -24.56 26.11 -25.20
CA VAL B 66 -24.90 26.52 -23.84
C VAL B 66 -25.39 25.29 -23.09
N PHE B 67 -24.56 24.78 -22.18
CA PHE B 67 -24.85 23.55 -21.46
C PHE B 67 -25.69 23.84 -20.22
N GLY B 68 -25.79 22.84 -19.34
CA GLY B 68 -26.57 22.95 -18.12
C GLY B 68 -27.21 21.63 -17.74
N ASP B 69 -27.05 21.23 -16.48
CA ASP B 69 -27.54 19.93 -16.04
C ASP B 69 -28.26 20.04 -14.69
N ASP B 70 -28.54 18.91 -14.06
CA ASP B 70 -29.28 18.89 -12.81
C ASP B 70 -28.59 18.08 -11.71
N THR B 71 -27.54 17.35 -12.00
CA THR B 71 -26.86 16.53 -11.01
C THR B 71 -25.93 17.41 -10.17
N ASP B 72 -25.10 16.78 -9.35
CA ASP B 72 -24.13 17.50 -8.52
C ASP B 72 -22.71 17.01 -8.71
N GLN B 73 -22.46 16.20 -9.74
CA GLN B 73 -21.11 15.69 -9.98
C GLN B 73 -20.18 16.83 -10.38
N GLU B 74 -18.93 16.76 -9.91
CA GLU B 74 -17.95 17.80 -10.18
C GLU B 74 -17.23 17.60 -11.50
N ALA B 75 -17.00 16.36 -11.91
CA ALA B 75 -16.18 16.10 -13.10
C ALA B 75 -16.88 16.47 -14.39
N VAL B 76 -18.18 16.81 -14.36
CA VAL B 76 -18.87 17.18 -15.59
C VAL B 76 -18.29 18.46 -16.16
N ALA B 77 -18.01 19.44 -15.30
CA ALA B 77 -17.41 20.69 -15.78
C ALA B 77 -16.05 20.43 -16.40
N GLN B 78 -15.25 19.57 -15.79
CA GLN B 78 -13.92 19.28 -16.31
C GLN B 78 -13.99 18.54 -17.63
N MET B 79 -14.94 17.60 -17.77
CA MET B 79 -15.14 16.94 -19.04
C MET B 79 -15.57 17.94 -20.11
N LEU B 80 -16.42 18.89 -19.75
CA LEU B 80 -16.82 19.93 -20.70
C LEU B 80 -15.61 20.76 -21.14
N ASP B 81 -14.75 21.11 -20.20
CA ASP B 81 -13.53 21.85 -20.54
C ASP B 81 -12.64 21.04 -21.47
N PHE B 82 -12.50 19.73 -21.19
CA PHE B 82 -11.69 18.87 -22.05
C PHE B 82 -12.26 18.80 -23.46
N ILE B 83 -13.58 18.70 -23.57
CA ILE B 83 -14.20 18.69 -24.90
C ILE B 83 -13.95 20.01 -25.62
N SER B 84 -14.11 21.13 -24.91
CA SER B 84 -13.93 22.43 -25.54
C SER B 84 -12.51 22.64 -26.02
N SER B 85 -11.52 22.17 -25.24
CA SER B 85 -10.13 22.40 -25.60
C SER B 85 -9.73 21.67 -26.87
N HIS B 86 -10.43 20.58 -27.21
CA HIS B 86 -10.08 19.76 -28.36
C HIS B 86 -11.09 19.85 -29.49
N THR B 87 -11.98 20.85 -29.46
CA THR B 87 -12.96 21.03 -30.52
C THR B 87 -13.12 22.47 -30.98
N PHE B 88 -12.56 23.44 -30.25
CA PHE B 88 -12.67 24.86 -30.58
C PHE B 88 -14.13 25.31 -30.66
N VAL B 89 -14.90 24.91 -29.65
CA VAL B 89 -16.30 25.27 -29.53
C VAL B 89 -16.48 26.05 -28.23
N PRO B 90 -16.87 27.31 -28.27
CA PRO B 90 -16.96 28.11 -27.04
C PRO B 90 -18.11 27.68 -26.13
N ILE B 91 -17.93 26.55 -25.45
CA ILE B 91 -18.95 26.03 -24.55
C ILE B 91 -18.94 26.85 -23.27
N LEU B 92 -20.13 27.26 -22.82
CA LEU B 92 -20.27 27.94 -21.55
C LEU B 92 -21.49 27.39 -20.82
N GLY B 93 -21.27 26.97 -19.57
CA GLY B 93 -22.37 26.44 -18.78
C GLY B 93 -23.03 27.51 -17.93
N ILE B 94 -24.26 27.22 -17.50
CA ILE B 94 -25.04 28.19 -16.76
C ILE B 94 -25.46 27.66 -15.39
N HIS B 95 -26.21 26.56 -15.36
CA HIS B 95 -26.80 26.06 -14.12
C HIS B 95 -26.61 24.55 -14.03
N GLY B 96 -26.37 24.07 -12.81
CA GLY B 96 -26.29 22.65 -12.55
C GLY B 96 -24.90 22.15 -12.25
N GLY B 97 -24.54 21.02 -12.86
CA GLY B 97 -23.21 20.47 -12.63
C GLY B 97 -22.11 21.34 -13.19
N ALA B 98 -22.31 21.90 -14.39
CA ALA B 98 -21.29 22.73 -15.01
C ALA B 98 -21.39 24.17 -14.52
N SER B 99 -21.41 24.36 -13.22
CA SER B 99 -21.44 25.69 -12.62
C SER B 99 -20.38 25.88 -11.55
N MET B 100 -20.07 24.84 -10.78
CA MET B 100 -19.07 24.95 -9.72
C MET B 100 -17.71 25.27 -10.31
N ILE B 101 -17.16 26.42 -9.92
CA ILE B 101 -15.93 26.91 -10.53
C ILE B 101 -14.76 26.02 -10.12
N MET B 102 -13.98 25.58 -11.10
CA MET B 102 -12.78 24.80 -10.88
C MET B 102 -11.56 25.73 -10.88
N ALA B 103 -10.37 25.14 -10.84
CA ALA B 103 -9.13 25.90 -10.81
C ALA B 103 -8.83 26.43 -12.21
N ASP B 104 -7.61 26.93 -12.41
CA ASP B 104 -7.22 27.46 -13.70
C ASP B 104 -7.26 26.38 -14.77
N LYS B 105 -7.82 26.73 -15.93
CA LYS B 105 -7.98 25.80 -17.03
C LYS B 105 -6.79 25.91 -17.99
N ASP B 106 -6.80 25.07 -19.02
CA ASP B 106 -5.76 25.13 -20.02
C ASP B 106 -5.85 26.44 -20.80
N PRO B 107 -4.71 27.00 -21.21
CA PRO B 107 -4.73 28.30 -21.90
C PRO B 107 -5.51 28.27 -23.20
N THR B 108 -5.50 27.16 -23.93
CA THR B 108 -6.16 27.10 -25.23
C THR B 108 -7.65 26.85 -25.14
N SER B 109 -8.17 26.57 -23.95
CA SER B 109 -9.60 26.31 -23.80
C SER B 109 -10.41 27.60 -23.89
N THR B 110 -11.69 27.44 -24.21
CA THR B 110 -12.64 28.55 -24.31
C THR B 110 -13.91 28.21 -23.54
N PHE B 111 -13.74 27.73 -22.32
CA PHE B 111 -14.85 27.31 -21.46
C PHE B 111 -15.03 28.36 -20.36
N PHE B 112 -16.23 28.94 -20.30
CA PHE B 112 -16.54 29.99 -19.34
C PHE B 112 -17.74 29.58 -18.51
N GLN B 113 -17.70 29.90 -17.22
CA GLN B 113 -18.76 29.54 -16.29
C GLN B 113 -19.50 30.79 -15.83
N PHE B 114 -20.59 30.55 -15.09
CA PHE B 114 -21.43 31.63 -14.57
C PHE B 114 -21.47 31.65 -13.05
N GLY B 115 -20.51 31.04 -12.39
CA GLY B 115 -20.44 30.99 -10.94
C GLY B 115 -19.53 32.07 -10.38
N ALA B 116 -19.15 31.89 -9.11
CA ALA B 116 -18.24 32.79 -8.44
C ALA B 116 -17.17 31.97 -7.72
N SER B 117 -15.94 32.46 -7.78
CA SER B 117 -14.82 31.74 -7.17
C SER B 117 -14.89 31.84 -5.65
N ILE B 118 -14.00 31.11 -4.98
CA ILE B 118 -13.97 31.10 -3.53
C ILE B 118 -13.62 32.47 -2.97
N GLN B 119 -12.76 33.21 -3.67
CA GLN B 119 -12.33 34.52 -3.18
C GLN B 119 -13.50 35.49 -3.08
N GLN B 120 -14.42 35.46 -4.05
CA GLN B 120 -15.58 36.34 -3.99
C GLN B 120 -16.45 36.01 -2.78
N GLN B 121 -16.66 34.73 -2.51
CA GLN B 121 -17.44 34.33 -1.34
C GLN B 121 -16.75 34.76 -0.05
N ALA B 122 -15.42 34.60 0.01
CA ALA B 122 -14.69 35.03 1.19
C ALA B 122 -14.80 36.53 1.41
N THR B 123 -14.73 37.30 0.32
CA THR B 123 -14.88 38.75 0.43
C THR B 123 -16.28 39.12 0.91
N VAL B 124 -17.30 38.39 0.44
CA VAL B 124 -18.67 38.66 0.89
C VAL B 124 -18.80 38.36 2.39
N MET B 125 -18.22 37.24 2.84
CA MET B 125 -18.26 36.92 4.26
C MET B 125 -17.56 37.98 5.09
N LEU B 126 -16.40 38.45 4.63
CA LEU B 126 -15.68 39.49 5.35
C LEU B 126 -16.47 40.80 5.37
N LYS B 127 -17.15 41.12 4.26
CA LYS B 127 -17.98 42.32 4.23
C LYS B 127 -19.12 42.22 5.23
N ILE B 128 -19.75 41.04 5.33
CA ILE B 128 -20.81 40.87 6.33
C ILE B 128 -20.23 41.01 7.73
N MET B 129 -19.06 40.43 7.97
CA MET B 129 -18.43 40.51 9.29
C MET B 129 -18.13 41.96 9.65
N GLN B 130 -17.60 42.74 8.70
CA GLN B 130 -17.30 44.14 8.98
C GLN B 130 -18.57 44.95 9.19
N ASP B 131 -19.63 44.64 8.42
CA ASP B 131 -20.87 45.40 8.55
C ASP B 131 -21.56 45.14 9.88
N TYR B 132 -21.56 43.89 10.33
CA TYR B 132 -22.21 43.55 11.61
C TYR B 132 -21.27 43.69 12.80
N ASP B 133 -20.02 44.09 12.57
CA ASP B 133 -19.08 44.45 13.62
C ASP B 133 -18.79 43.26 14.55
N TRP B 134 -18.37 42.16 13.95
CA TRP B 134 -17.88 40.98 14.65
C TRP B 134 -16.50 40.60 14.14
N HIS B 135 -15.59 41.57 14.06
CA HIS B 135 -14.32 41.40 13.37
C HIS B 135 -13.31 40.61 14.22
N VAL B 136 -13.76 39.44 14.68
CA VAL B 136 -12.91 38.41 15.26
C VAL B 136 -13.39 37.07 14.74
N PHE B 137 -12.45 36.17 14.43
CA PHE B 137 -12.81 34.88 13.86
C PHE B 137 -11.68 33.90 14.07
N SER B 138 -11.95 32.63 13.74
CA SER B 138 -10.96 31.57 13.82
C SER B 138 -11.38 30.46 12.88
N LEU B 139 -10.61 30.27 11.80
CA LEU B 139 -10.97 29.32 10.77
C LEU B 139 -10.77 27.88 11.24
N VAL B 140 -11.63 26.99 10.75
CA VAL B 140 -11.43 25.55 10.88
C VAL B 140 -11.55 24.93 9.50
N THR B 141 -10.61 24.05 9.15
CA THR B 141 -10.53 23.46 7.83
C THR B 141 -10.15 21.99 7.94
N THR B 142 -10.77 21.16 7.10
CA THR B 142 -10.43 19.75 7.02
C THR B 142 -9.39 19.54 5.92
N ILE B 143 -9.19 18.29 5.51
CA ILE B 143 -8.19 17.93 4.52
C ILE B 143 -8.81 18.01 3.12
N PHE B 144 -10.00 18.58 3.04
CA PHE B 144 -10.68 18.70 1.75
C PHE B 144 -9.83 19.50 0.77
N PRO B 145 -9.76 19.08 -0.50
CA PRO B 145 -8.88 19.77 -1.45
C PRO B 145 -9.28 21.21 -1.67
N GLY B 146 -8.28 22.05 -1.95
CA GLY B 146 -8.50 23.45 -2.19
C GLY B 146 -8.46 24.34 -0.97
N TYR B 147 -8.11 23.80 0.20
CA TYR B 147 -8.11 24.62 1.41
C TYR B 147 -6.92 25.57 1.46
N ARG B 148 -5.85 25.29 0.72
CA ARG B 148 -4.67 26.14 0.79
C ARG B 148 -4.95 27.53 0.24
N GLU B 149 -5.73 27.61 -0.85
CA GLU B 149 -6.06 28.91 -1.42
C GLU B 149 -6.89 29.74 -0.45
N PHE B 150 -7.85 29.12 0.23
CA PHE B 150 -8.71 29.86 1.16
C PHE B 150 -7.91 30.46 2.31
N ILE B 151 -7.09 29.64 2.97
CA ILE B 151 -6.33 30.11 4.13
C ILE B 151 -5.36 31.21 3.73
N SER B 152 -4.62 30.99 2.63
CA SER B 152 -3.66 31.98 2.18
C SER B 152 -4.35 33.29 1.79
N PHE B 153 -5.47 33.19 1.08
CA PHE B 153 -6.17 34.40 0.66
C PHE B 153 -6.69 35.19 1.85
N VAL B 154 -7.30 34.51 2.83
CA VAL B 154 -7.84 35.22 3.98
C VAL B 154 -6.72 35.81 4.83
N LYS B 155 -5.60 35.09 4.95
CA LYS B 155 -4.46 35.61 5.71
C LYS B 155 -3.90 36.86 5.04
N THR B 156 -3.76 36.84 3.72
CA THR B 156 -3.29 38.02 3.01
C THR B 156 -4.27 39.18 3.14
N THR B 157 -5.57 38.90 3.03
CA THR B 157 -6.56 39.97 3.09
C THR B 157 -6.59 40.62 4.47
N VAL B 158 -6.48 39.83 5.54
CA VAL B 158 -6.48 40.39 6.89
C VAL B 158 -5.27 41.27 7.09
N ASP B 159 -4.12 40.88 6.54
CA ASP B 159 -2.88 41.62 6.69
C ASP B 159 -2.72 42.72 5.66
N ASN B 160 -3.68 42.89 4.74
CA ASN B 160 -3.60 43.92 3.71
C ASN B 160 -4.43 45.15 4.03
N SER B 161 -5.55 44.99 4.73
CA SER B 161 -6.42 46.10 5.07
C SER B 161 -6.37 46.36 6.58
N PHE B 162 -6.80 47.56 6.97
CA PHE B 162 -6.62 47.99 8.35
C PHE B 162 -7.69 47.42 9.27
N VAL B 163 -8.96 47.79 9.06
CA VAL B 163 -10.13 47.45 9.87
C VAL B 163 -9.80 47.20 11.34
N GLY B 164 -8.93 46.23 11.62
CA GLY B 164 -8.58 45.89 12.99
C GLY B 164 -8.93 44.47 13.35
N TRP B 165 -8.90 43.57 12.37
CA TRP B 165 -9.24 42.17 12.62
C TRP B 165 -8.24 41.52 13.57
N ASP B 166 -8.74 40.59 14.38
CA ASP B 166 -7.94 39.84 15.35
C ASP B 166 -8.16 38.35 15.09
N MET B 167 -7.27 37.75 14.30
CA MET B 167 -7.33 36.33 14.00
C MET B 167 -6.80 35.56 15.21
N GLN B 168 -7.69 34.82 15.88
CA GLN B 168 -7.30 34.15 17.12
C GLN B 168 -6.39 32.95 16.85
N ASN B 169 -6.90 31.95 16.14
CA ASN B 169 -6.14 30.75 15.89
C ASN B 169 -6.75 29.91 14.78
N VAL B 170 -5.92 29.47 13.83
CA VAL B 170 -6.38 28.58 12.77
C VAL B 170 -6.31 27.14 13.27
N ILE B 171 -7.42 26.42 13.16
CA ILE B 171 -7.52 25.06 13.66
C ILE B 171 -7.79 24.15 12.46
N THR B 172 -6.72 23.52 11.96
CA THR B 172 -6.84 22.65 10.79
C THR B 172 -6.91 21.19 11.22
N LEU B 173 -8.10 20.81 11.69
CA LEU B 173 -8.34 19.44 12.11
C LEU B 173 -8.44 18.55 10.87
N ASP B 174 -7.46 17.67 10.70
CA ASP B 174 -7.36 16.82 9.52
C ASP B 174 -7.80 15.40 9.86
N THR B 175 -7.56 14.48 8.92
CA THR B 175 -7.81 13.04 9.08
C THR B 175 -9.30 12.75 9.32
N SER B 176 -9.61 11.53 9.74
CA SER B 176 -10.99 11.12 9.94
C SER B 176 -11.62 11.71 11.19
N PHE B 177 -10.82 12.31 12.08
CA PHE B 177 -11.27 12.91 13.34
C PHE B 177 -12.33 12.05 14.02
N GLU B 178 -12.00 10.77 14.21
CA GLU B 178 -12.97 9.81 14.73
C GLU B 178 -13.45 10.17 16.14
N ASP B 179 -12.56 10.05 17.13
CA ASP B 179 -12.96 10.42 18.49
C ASP B 179 -11.93 11.27 19.21
N ALA B 180 -10.64 11.03 19.01
CA ALA B 180 -9.62 11.58 19.89
C ALA B 180 -9.18 12.97 19.46
N LYS B 181 -8.72 13.10 18.21
CA LYS B 181 -8.14 14.35 17.73
C LYS B 181 -9.13 15.51 17.69
N THR B 182 -10.44 15.23 17.77
CA THR B 182 -11.42 16.32 17.85
C THR B 182 -11.29 17.08 19.16
N GLN B 183 -11.29 16.35 20.28
CA GLN B 183 -11.38 17.00 21.59
C GLN B 183 -10.11 17.78 21.92
N VAL B 184 -8.95 17.17 21.70
CA VAL B 184 -7.70 17.83 22.05
C VAL B 184 -7.48 19.06 21.18
N GLN B 185 -7.76 18.96 19.89
CA GLN B 185 -7.52 20.07 18.98
C GLN B 185 -8.53 21.20 19.22
N LEU B 186 -9.81 20.87 19.36
CA LEU B 186 -10.85 21.87 19.54
C LEU B 186 -10.97 22.25 21.01
N LYS B 187 -9.94 22.94 21.49
CA LYS B 187 -9.89 23.41 22.87
C LYS B 187 -9.46 24.86 23.02
N LYS B 188 -8.89 25.47 21.99
CA LYS B 188 -8.45 26.86 22.06
C LYS B 188 -9.29 27.81 21.22
N ILE B 189 -10.36 27.31 20.59
CA ILE B 189 -11.21 28.16 19.76
C ILE B 189 -12.27 28.80 20.66
N HIS B 190 -12.19 30.12 20.82
CA HIS B 190 -13.14 30.85 21.65
C HIS B 190 -13.54 32.17 20.99
N SER B 191 -13.45 32.26 19.67
CA SER B 191 -13.81 33.47 18.96
C SER B 191 -15.33 33.59 18.86
N SER B 192 -15.77 34.77 18.41
CA SER B 192 -17.21 35.01 18.27
C SER B 192 -17.79 34.26 17.07
N VAL B 193 -17.04 34.18 15.97
CA VAL B 193 -17.55 33.56 14.74
C VAL B 193 -16.50 32.59 14.20
N ILE B 194 -17.01 31.59 13.47
CA ILE B 194 -16.20 30.55 12.85
C ILE B 194 -16.43 30.61 11.35
N LEU B 195 -15.46 30.11 10.59
CA LEU B 195 -15.49 30.13 9.13
C LEU B 195 -15.24 28.73 8.56
N LEU B 196 -15.98 27.75 9.07
CA LEU B 196 -15.77 26.36 8.68
C LEU B 196 -15.92 26.18 7.17
N TYR B 197 -15.03 25.38 6.60
CA TYR B 197 -15.03 25.10 5.16
C TYR B 197 -14.57 23.67 4.95
N CYS B 198 -15.48 22.81 4.52
CA CYS B 198 -15.18 21.39 4.38
C CYS B 198 -16.24 20.75 3.48
N SER B 199 -16.25 19.43 3.42
CA SER B 199 -17.26 18.70 2.68
C SER B 199 -18.57 18.68 3.48
N LYS B 200 -19.65 18.31 2.80
CA LYS B 200 -20.97 18.34 3.42
C LYS B 200 -21.05 17.37 4.59
N ASP B 201 -20.68 16.11 4.38
CA ASP B 201 -20.72 15.13 5.46
C ASP B 201 -19.75 15.50 6.58
N GLU B 202 -18.54 15.95 6.21
CA GLU B 202 -17.58 16.37 7.22
C GLU B 202 -18.10 17.56 8.02
N ALA B 203 -18.72 18.53 7.35
CA ALA B 203 -19.28 19.68 8.04
C ALA B 203 -20.38 19.25 9.01
N VAL B 204 -21.24 18.32 8.57
CA VAL B 204 -22.29 17.82 9.46
C VAL B 204 -21.68 17.15 10.67
N LEU B 205 -20.65 16.34 10.47
CA LEU B 205 -20.01 15.65 11.59
C LEU B 205 -19.39 16.63 12.57
N ILE B 206 -18.67 17.63 12.07
CA ILE B 206 -18.04 18.61 12.95
C ILE B 206 -19.08 19.42 13.70
N LEU B 207 -20.16 19.82 13.01
CA LEU B 207 -21.21 20.59 13.69
C LEU B 207 -21.89 19.77 14.77
N SER B 208 -22.15 18.48 14.50
CA SER B 208 -22.75 17.62 15.51
C SER B 208 -21.80 17.44 16.70
N GLU B 209 -20.51 17.28 16.43
CA GLU B 209 -19.54 17.11 17.52
C GLU B 209 -19.44 18.38 18.38
N ALA B 210 -19.42 19.55 17.74
CA ALA B 210 -19.32 20.80 18.46
C ALA B 210 -20.61 21.21 19.15
N ARG B 211 -21.75 20.67 18.69
CA ARG B 211 -23.02 20.99 19.34
C ARG B 211 -23.05 20.51 20.78
N SER B 212 -22.57 19.28 21.02
CA SER B 212 -22.67 18.70 22.35
C SER B 212 -21.74 19.38 23.33
N LEU B 213 -20.47 19.57 22.95
CA LEU B 213 -19.45 20.06 23.87
C LEU B 213 -18.85 21.39 23.44
N GLY B 214 -18.39 21.50 22.19
CA GLY B 214 -17.53 22.60 21.81
C GLY B 214 -18.15 23.98 21.78
N LEU B 215 -19.02 24.25 20.80
CA LEU B 215 -19.49 25.62 20.57
C LEU B 215 -20.96 25.56 20.14
N THR B 216 -21.86 25.97 21.03
CA THR B 216 -23.28 26.09 20.71
C THR B 216 -23.91 27.32 21.35
N GLY B 217 -23.12 28.36 21.59
CA GLY B 217 -23.61 29.52 22.29
C GLY B 217 -24.51 30.40 21.44
N TYR B 218 -25.14 31.38 22.12
CA TYR B 218 -26.04 32.29 21.43
C TYR B 218 -25.31 33.17 20.43
N ASP B 219 -24.07 33.54 20.71
CA ASP B 219 -23.26 34.27 19.73
C ASP B 219 -21.98 33.46 19.49
N PHE B 220 -22.13 32.43 18.67
CA PHE B 220 -21.08 31.53 18.20
C PHE B 220 -21.29 31.27 16.72
N PHE B 221 -21.57 32.34 15.98
CA PHE B 221 -22.12 32.25 14.63
C PHE B 221 -21.23 31.41 13.72
N TRP B 222 -21.86 30.82 12.71
CA TRP B 222 -21.20 29.92 11.78
C TRP B 222 -21.40 30.43 10.35
N ILE B 223 -20.32 30.46 9.58
CA ILE B 223 -20.34 30.91 8.20
C ILE B 223 -19.78 29.79 7.32
N VAL B 224 -20.44 29.53 6.20
CA VAL B 224 -20.11 28.39 5.36
C VAL B 224 -20.19 28.79 3.90
N PRO B 225 -19.24 28.37 3.04
CA PRO B 225 -19.31 28.71 1.62
C PRO B 225 -20.48 28.05 0.89
N SER B 226 -20.59 28.30 -0.42
CA SER B 226 -21.73 27.79 -1.18
C SER B 226 -21.61 26.31 -1.48
N LEU B 227 -20.39 25.79 -1.59
CA LEU B 227 -20.21 24.40 -2.01
C LEU B 227 -20.84 23.42 -1.03
N VAL B 228 -20.87 23.77 0.26
CA VAL B 228 -21.46 22.88 1.25
C VAL B 228 -22.97 22.80 1.06
N SER B 229 -23.62 23.94 0.84
CA SER B 229 -25.07 24.04 0.79
C SER B 229 -25.53 24.60 -0.55
N GLY B 230 -24.95 24.10 -1.62
CA GLY B 230 -25.30 24.51 -2.96
C GLY B 230 -26.47 23.77 -3.58
N ASN B 231 -27.12 22.88 -2.83
CA ASN B 231 -28.24 22.11 -3.34
C ASN B 231 -29.52 22.27 -2.52
N THR B 232 -29.41 22.54 -1.21
CA THR B 232 -30.54 22.64 -0.31
C THR B 232 -31.40 21.38 -0.32
N GLU B 233 -32.55 21.42 0.34
CA GLU B 233 -33.55 20.36 0.37
C GLU B 233 -33.04 19.07 1.03
N LEU B 234 -31.82 19.08 1.56
CA LEU B 234 -31.29 17.98 2.37
C LEU B 234 -30.76 18.51 3.69
N ILE B 235 -31.55 19.35 4.35
CA ILE B 235 -31.14 19.94 5.62
C ILE B 235 -31.11 18.86 6.70
N PRO B 236 -29.99 18.68 7.40
CA PRO B 236 -29.95 17.75 8.52
C PRO B 236 -30.38 18.41 9.82
N LYS B 237 -30.72 17.56 10.80
CA LYS B 237 -31.13 18.05 12.11
C LYS B 237 -29.99 18.67 12.89
N GLU B 238 -28.73 18.35 12.53
CA GLU B 238 -27.59 18.90 13.25
C GLU B 238 -27.33 20.35 12.91
N PHE B 239 -27.86 20.85 11.80
CA PHE B 239 -27.59 22.22 11.39
C PHE B 239 -28.32 23.20 12.30
N PRO B 240 -27.62 24.13 12.94
CA PRO B 240 -28.30 25.09 13.81
C PRO B 240 -28.96 26.21 12.99
N SER B 241 -29.84 26.94 13.66
CA SER B 241 -30.51 28.06 13.03
C SER B 241 -29.57 29.25 12.94
N GLY B 242 -29.40 29.78 11.74
CA GLY B 242 -28.52 30.92 11.53
C GLY B 242 -27.27 30.58 10.74
N LEU B 243 -27.38 29.61 9.82
CA LEU B 243 -26.25 29.19 9.00
C LEU B 243 -26.12 30.16 7.83
N ILE B 244 -25.42 31.26 8.09
CA ILE B 244 -25.16 32.25 7.05
C ILE B 244 -24.23 31.66 6.01
N SER B 245 -24.70 31.56 4.77
CA SER B 245 -23.93 30.93 3.70
C SER B 245 -24.20 31.67 2.39
N VAL B 246 -23.19 32.37 1.89
CA VAL B 246 -23.33 33.06 0.61
C VAL B 246 -23.35 32.03 -0.50
N SER B 247 -24.32 32.15 -1.41
CA SER B 247 -24.46 31.21 -2.50
C SER B 247 -24.81 31.96 -3.78
N TYR B 248 -24.47 31.36 -4.91
CA TYR B 248 -24.86 31.89 -6.21
C TYR B 248 -26.39 31.82 -6.34
N ASP B 249 -26.94 32.81 -7.06
CA ASP B 249 -28.39 32.95 -7.14
C ASP B 249 -29.03 31.70 -7.72
N ASP B 250 -30.08 31.22 -7.04
CA ASP B 250 -30.85 30.08 -7.52
C ASP B 250 -32.34 30.40 -7.50
N TRP B 251 -32.77 31.19 -6.53
CA TRP B 251 -34.18 31.49 -6.34
C TRP B 251 -34.67 32.60 -7.28
N ASP B 252 -33.76 33.34 -7.90
CA ASP B 252 -34.10 34.29 -8.94
C ASP B 252 -33.28 33.98 -10.18
N TYR B 253 -33.31 34.86 -11.18
CA TYR B 253 -32.54 34.68 -12.41
C TYR B 253 -32.91 33.35 -13.08
N SER B 254 -34.16 33.28 -13.52
CA SER B 254 -34.70 32.04 -14.06
C SER B 254 -33.94 31.62 -15.31
N LEU B 255 -33.99 30.30 -15.60
CA LEU B 255 -33.24 29.76 -16.73
C LEU B 255 -33.66 30.40 -18.04
N GLU B 256 -34.94 30.78 -18.17
CA GLU B 256 -35.39 31.44 -19.38
C GLU B 256 -34.65 32.75 -19.62
N ALA B 257 -34.18 33.39 -18.54
CA ALA B 257 -33.35 34.59 -18.68
C ALA B 257 -31.87 34.24 -18.87
N ARG B 258 -31.40 33.17 -18.24
CA ARG B 258 -29.99 32.80 -18.38
C ARG B 258 -29.67 32.39 -19.82
N VAL B 259 -30.55 31.61 -20.44
CA VAL B 259 -30.31 31.20 -21.82
C VAL B 259 -30.34 32.41 -22.74
N ARG B 260 -31.27 33.34 -22.49
CA ARG B 260 -31.31 34.57 -23.29
C ARG B 260 -30.03 35.36 -23.13
N ASP B 261 -29.51 35.46 -21.91
CA ASP B 261 -28.26 36.17 -21.68
C ASP B 261 -27.10 35.52 -22.41
N GLY B 262 -27.03 34.19 -22.36
CA GLY B 262 -25.95 33.50 -23.06
C GLY B 262 -26.01 33.69 -24.56
N ILE B 263 -27.21 33.55 -25.13
CA ILE B 263 -27.37 33.76 -26.57
C ILE B 263 -27.00 35.19 -26.94
N GLY B 264 -27.38 36.15 -26.08
CA GLY B 264 -27.01 37.53 -26.33
C GLY B 264 -25.50 37.74 -26.31
N ILE B 265 -24.82 37.10 -25.36
CA ILE B 265 -23.36 37.20 -25.29
C ILE B 265 -22.74 36.69 -26.59
N LEU B 266 -23.18 35.50 -27.02
CA LEU B 266 -22.60 34.92 -28.24
C LEU B 266 -22.91 35.78 -29.47
N THR B 267 -24.14 36.28 -29.57
CA THR B 267 -24.52 37.10 -30.70
C THR B 267 -23.74 38.41 -30.73
N THR B 268 -23.53 39.04 -29.58
CA THR B 268 -22.77 40.28 -29.54
C THR B 268 -21.31 40.03 -29.90
N ALA B 269 -20.74 38.92 -29.44
CA ALA B 269 -19.37 38.59 -29.84
C ALA B 269 -19.29 38.38 -31.35
N ALA B 270 -20.26 37.68 -31.93
CA ALA B 270 -20.28 37.49 -33.38
C ALA B 270 -20.42 38.82 -34.11
N SER B 271 -21.24 39.72 -33.59
CA SER B 271 -21.40 41.03 -34.22
C SER B 271 -20.11 41.84 -34.14
N SER B 272 -19.39 41.74 -33.02
CA SER B 272 -18.10 42.40 -32.91
C SER B 272 -17.11 41.84 -33.92
N MET B 273 -17.10 40.52 -34.09
CA MET B 273 -16.22 39.92 -35.10
C MET B 273 -16.62 40.37 -36.50
N LEU B 274 -17.92 40.46 -36.76
CA LEU B 274 -18.39 40.93 -38.07
C LEU B 274 -17.98 42.37 -38.33
N GLU B 275 -18.03 43.21 -37.29
CA GLU B 275 -17.55 44.58 -37.42
C GLU B 275 -16.05 44.60 -37.69
N LYS B 276 -15.30 43.71 -37.04
CA LYS B 276 -13.87 43.62 -37.29
C LYS B 276 -13.57 43.25 -38.74
N PHE B 277 -14.18 42.17 -39.22
CA PHE B 277 -14.03 41.74 -40.60
C PHE B 277 -15.18 40.79 -40.93
N SER B 278 -15.15 40.22 -42.13
CA SER B 278 -16.25 39.37 -42.59
C SER B 278 -15.78 37.94 -42.85
N TYR B 279 -15.01 37.38 -41.92
CA TYR B 279 -14.44 36.05 -42.08
C TYR B 279 -15.33 34.94 -41.54
N ILE B 280 -15.99 35.17 -40.40
CA ILE B 280 -16.76 34.17 -39.64
C ILE B 280 -16.08 32.81 -39.73
N PRO B 281 -14.91 32.63 -39.13
CA PRO B 281 -14.13 31.41 -39.37
C PRO B 281 -14.86 30.16 -38.89
N GLU B 282 -14.56 29.06 -39.58
CA GLU B 282 -15.17 27.78 -39.25
C GLU B 282 -14.62 27.23 -37.94
N ALA B 283 -15.17 26.10 -37.50
CA ALA B 283 -14.80 25.50 -36.23
C ALA B 283 -14.04 24.19 -36.42
N LYS B 284 -14.63 23.21 -37.10
CA LYS B 284 -13.99 21.92 -37.31
C LYS B 284 -14.86 21.11 -38.28
N ALA B 285 -14.26 20.07 -38.84
CA ALA B 285 -14.97 19.16 -39.73
C ALA B 285 -15.51 17.94 -38.97
N SER B 286 -14.62 17.20 -38.32
CA SER B 286 -15.00 16.05 -37.51
C SER B 286 -14.04 15.94 -36.35
N CYS B 287 -14.59 15.79 -35.13
CA CYS B 287 -13.74 15.78 -33.94
C CYS B 287 -12.87 14.52 -33.89
N TYR B 288 -13.45 13.35 -34.11
CA TYR B 288 -12.66 12.13 -34.20
C TYR B 288 -12.17 11.96 -35.64
N GLY B 289 -11.63 10.78 -35.93
CA GLY B 289 -11.11 10.46 -37.25
C GLY B 289 -9.60 10.39 -37.27
N GLN B 290 -9.06 10.58 -38.47
CA GLN B 290 -7.61 10.56 -38.67
C GLN B 290 -6.98 11.95 -38.54
N MET B 291 -7.78 12.97 -38.22
CA MET B 291 -7.28 14.34 -38.10
C MET B 291 -6.79 14.58 -36.68
N GLU B 292 -5.55 15.05 -36.56
CA GLU B 292 -4.96 15.37 -35.26
C GLU B 292 -4.25 16.71 -35.21
N ARG B 293 -3.84 17.27 -36.35
CA ARG B 293 -3.13 18.53 -36.34
C ARG B 293 -4.07 19.68 -35.97
N PRO B 294 -3.56 20.70 -35.28
CA PRO B 294 -4.39 21.86 -34.96
C PRO B 294 -4.78 22.64 -36.21
N GLU B 295 -5.95 23.26 -36.15
CA GLU B 295 -6.48 24.04 -37.26
C GLU B 295 -6.74 25.50 -36.92
N VAL B 296 -7.08 25.81 -35.67
CA VAL B 296 -7.31 27.21 -35.28
C VAL B 296 -6.00 27.98 -35.40
N PRO B 297 -5.98 29.17 -36.02
CA PRO B 297 -4.72 29.92 -36.12
C PRO B 297 -4.15 30.26 -34.76
N MET B 298 -4.88 31.05 -33.96
CA MET B 298 -4.57 31.19 -32.55
C MET B 298 -5.72 30.74 -31.66
N HIS B 299 -6.89 31.39 -31.78
CA HIS B 299 -8.07 31.05 -30.98
C HIS B 299 -9.37 31.14 -31.76
N THR B 300 -9.35 31.52 -33.03
CA THR B 300 -10.54 31.84 -33.82
C THR B 300 -11.39 32.90 -33.11
N LEU B 301 -12.25 32.49 -32.19
CA LEU B 301 -13.14 33.39 -31.47
C LEU B 301 -12.89 33.24 -29.98
N HIS B 302 -12.42 34.31 -29.35
CA HIS B 302 -12.15 34.30 -27.91
C HIS B 302 -12.08 35.71 -27.32
N PRO B 303 -11.19 36.59 -27.80
CA PRO B 303 -11.03 37.88 -27.12
C PRO B 303 -12.27 38.76 -27.15
N PHE B 304 -13.20 38.51 -28.07
CA PHE B 304 -14.41 39.31 -28.19
C PHE B 304 -15.55 38.81 -27.32
N MET B 305 -15.34 37.76 -26.54
CA MET B 305 -16.37 37.25 -25.65
C MET B 305 -16.25 37.78 -24.24
N VAL B 306 -15.29 38.68 -23.98
CA VAL B 306 -15.16 39.34 -22.68
C VAL B 306 -15.67 40.77 -22.82
N ASN B 307 -15.79 41.45 -21.68
CA ASN B 307 -16.25 42.83 -21.55
C ASN B 307 -17.44 43.14 -22.47
N VAL B 308 -18.34 42.18 -22.62
CA VAL B 308 -19.46 42.28 -23.55
C VAL B 308 -20.71 42.65 -22.79
N THR B 309 -21.44 43.65 -23.29
CA THR B 309 -22.67 44.12 -22.70
C THR B 309 -23.88 43.53 -23.43
N TRP B 310 -25.03 43.59 -22.78
CA TRP B 310 -26.26 43.02 -23.32
C TRP B 310 -27.42 44.00 -23.16
N ASP B 311 -27.19 45.25 -23.56
CA ASP B 311 -28.23 46.28 -23.61
C ASP B 311 -28.88 46.47 -22.24
N GLY B 312 -28.06 46.97 -21.30
CA GLY B 312 -28.48 47.13 -19.93
C GLY B 312 -27.47 46.56 -18.96
N LYS B 313 -27.86 45.51 -18.23
CA LYS B 313 -26.92 44.84 -17.34
C LYS B 313 -25.74 44.30 -18.15
N ASP B 314 -24.55 44.45 -17.59
CA ASP B 314 -23.32 44.05 -18.27
C ASP B 314 -22.61 42.97 -17.47
N LEU B 315 -21.89 42.11 -18.18
CA LEU B 315 -21.14 41.02 -17.58
C LEU B 315 -19.78 40.92 -18.26
N SER B 316 -18.76 40.59 -17.47
CA SER B 316 -17.41 40.44 -17.99
C SER B 316 -16.76 39.21 -17.38
N PHE B 317 -15.77 38.68 -18.08
CA PHE B 317 -15.01 37.53 -17.63
C PHE B 317 -13.56 37.93 -17.40
N THR B 318 -12.85 37.08 -16.66
CA THR B 318 -11.45 37.28 -16.37
C THR B 318 -10.62 36.23 -17.11
N GLU B 319 -9.30 36.34 -16.98
CA GLU B 319 -8.40 35.40 -17.63
C GLU B 319 -8.61 33.98 -17.11
N GLU B 320 -8.81 33.84 -15.80
CA GLU B 320 -9.02 32.51 -15.22
C GLU B 320 -10.41 31.95 -15.54
N GLY B 321 -11.34 32.79 -15.98
CA GLY B 321 -12.65 32.32 -16.36
C GLY B 321 -13.68 32.35 -15.24
N TYR B 322 -13.83 33.49 -14.59
CA TYR B 322 -14.80 33.69 -13.53
C TYR B 322 -15.81 34.74 -13.97
N GLN B 323 -16.67 35.14 -13.03
CA GLN B 323 -17.63 36.23 -13.25
C GLN B 323 -17.13 37.47 -12.53
N VAL B 324 -16.87 38.53 -13.30
CA VAL B 324 -16.34 39.77 -12.71
C VAL B 324 -17.40 40.44 -11.84
N HIS B 325 -18.68 40.37 -12.24
CA HIS B 325 -19.76 41.03 -11.52
C HIS B 325 -20.82 39.98 -11.17
N PRO B 326 -20.57 39.18 -10.13
CA PRO B 326 -21.53 38.14 -9.74
C PRO B 326 -22.76 38.75 -9.09
N ARG B 327 -23.76 37.89 -8.88
CA ARG B 327 -25.03 38.25 -8.27
C ARG B 327 -25.34 37.33 -7.10
N LEU B 328 -24.35 37.15 -6.23
CA LEU B 328 -24.49 36.23 -5.10
C LEU B 328 -25.59 36.68 -4.16
N VAL B 329 -26.33 35.72 -3.61
CA VAL B 329 -27.40 35.98 -2.65
C VAL B 329 -27.08 35.20 -1.39
N VAL B 330 -27.05 35.89 -0.26
CA VAL B 330 -26.74 35.28 1.03
C VAL B 330 -28.03 34.94 1.75
N ILE B 331 -28.09 33.73 2.31
CA ILE B 331 -29.28 33.25 3.00
C ILE B 331 -28.91 32.73 4.39
N VAL B 332 -29.90 32.69 5.28
CA VAL B 332 -29.73 32.20 6.63
C VAL B 332 -30.90 31.27 6.97
N LEU B 333 -30.75 30.55 8.06
CA LEU B 333 -31.78 29.64 8.55
C LEU B 333 -32.70 30.37 9.53
N ASN B 334 -33.85 29.76 9.80
CA ASN B 334 -34.86 30.34 10.68
C ASN B 334 -35.59 29.22 11.39
N LYS B 335 -36.73 29.57 12.00
CA LYS B 335 -37.51 28.59 12.76
C LYS B 335 -38.26 27.61 11.86
N ASP B 336 -38.45 27.93 10.58
CA ASP B 336 -39.19 27.07 9.68
C ASP B 336 -38.30 26.08 8.93
N ARG B 337 -37.02 26.00 9.29
CA ARG B 337 -36.08 25.04 8.69
C ARG B 337 -35.99 25.22 7.17
N GLU B 338 -35.97 26.47 6.73
CA GLU B 338 -35.87 26.76 5.30
C GLU B 338 -35.36 28.18 5.11
N TRP B 339 -34.28 28.32 4.32
CA TRP B 339 -33.69 29.63 4.08
C TRP B 339 -34.57 30.41 3.11
N GLU B 340 -35.18 31.49 3.57
CA GLU B 340 -35.96 32.33 2.65
C GLU B 340 -35.03 33.34 1.95
N LYS B 341 -34.48 34.28 2.72
CA LYS B 341 -33.47 35.22 2.24
C LYS B 341 -33.04 36.19 3.33
N VAL B 342 -31.82 36.73 3.22
CA VAL B 342 -31.40 37.90 3.99
C VAL B 342 -30.48 38.70 3.08
N GLY B 343 -30.96 39.86 2.63
CA GLY B 343 -30.12 40.71 1.80
C GLY B 343 -29.76 40.09 0.46
N LYS B 344 -28.78 40.72 -0.18
CA LYS B 344 -28.26 40.28 -1.47
C LYS B 344 -26.88 40.91 -1.64
N TRP B 345 -26.36 40.85 -2.86
CA TRP B 345 -25.12 41.53 -3.21
C TRP B 345 -25.39 42.51 -4.35
N GLU B 346 -24.33 43.11 -4.86
CA GLU B 346 -24.45 44.13 -5.90
C GLU B 346 -23.14 44.15 -6.67
N ASN B 347 -22.90 45.24 -7.42
CA ASN B 347 -21.66 45.37 -8.16
C ASN B 347 -20.45 45.24 -7.25
N HIS B 348 -20.30 46.15 -6.29
CA HIS B 348 -19.25 46.03 -5.29
C HIS B 348 -19.73 46.48 -3.91
N THR B 349 -21.01 46.29 -3.61
CA THR B 349 -21.56 46.68 -2.32
C THR B 349 -22.52 45.60 -1.84
N LEU B 350 -22.82 45.65 -0.54
CA LEU B 350 -23.65 44.62 0.09
C LEU B 350 -25.14 44.96 0.02
N SER B 351 -25.53 46.09 0.61
CA SER B 351 -26.94 46.51 0.69
C SER B 351 -27.78 45.44 1.39
N LEU B 352 -27.46 45.21 2.65
CA LEU B 352 -28.14 44.20 3.44
C LEU B 352 -29.56 44.63 3.77
N ARG B 353 -30.39 43.66 4.16
CA ARG B 353 -31.79 43.92 4.43
C ARG B 353 -32.04 44.26 5.91
N HIS B 354 -31.70 43.35 6.81
CA HIS B 354 -31.93 43.57 8.23
C HIS B 354 -30.89 44.55 8.78
N ALA B 355 -31.36 45.57 9.51
CA ALA B 355 -30.46 46.57 10.06
C ALA B 355 -29.57 45.98 11.15
N VAL B 356 -30.16 45.20 12.05
CA VAL B 356 -29.43 44.58 13.15
C VAL B 356 -29.83 43.11 13.23
N TRP B 357 -28.84 42.24 13.46
CA TRP B 357 -29.13 40.82 13.56
C TRP B 357 -30.07 40.56 14.73
N PRO B 358 -31.22 39.93 14.50
CA PRO B 358 -32.22 39.84 15.57
C PRO B 358 -32.00 38.68 16.53
N ARG B 359 -30.74 38.48 16.95
CA ARG B 359 -30.37 37.53 17.99
C ARG B 359 -31.07 36.18 17.81
N TYR B 360 -30.75 35.53 16.70
CA TYR B 360 -31.41 34.28 16.35
C TYR B 360 -31.07 33.17 17.33
N LYS B 361 -32.05 32.30 17.58
CA LYS B 361 -31.86 31.19 18.49
C LYS B 361 -30.87 30.18 17.90
N SER B 362 -29.95 29.69 18.74
CA SER B 362 -28.95 28.75 18.26
C SER B 362 -29.56 27.39 17.96
N PHE B 363 -30.46 26.91 18.82
CA PHE B 363 -31.07 25.60 18.64
C PHE B 363 -32.50 25.57 19.16
N GLU C 1 24.97 -6.96 13.57
CA GLU C 1 24.09 -7.22 12.44
C GLU C 1 22.65 -7.44 12.91
N VAL C 2 21.93 -8.27 12.17
CA VAL C 2 20.55 -8.61 12.51
C VAL C 2 20.56 -9.76 13.51
N GLN C 3 19.78 -9.61 14.59
CA GLN C 3 19.71 -10.62 15.62
C GLN C 3 18.38 -10.49 16.36
N LEU C 4 17.74 -11.62 16.63
CA LEU C 4 16.47 -11.66 17.32
C LEU C 4 16.64 -12.35 18.67
N VAL C 5 16.15 -11.71 19.73
CA VAL C 5 16.26 -12.23 21.09
C VAL C 5 14.86 -12.33 21.68
N GLU C 6 14.55 -13.49 22.27
CA GLU C 6 13.27 -13.72 22.90
C GLU C 6 13.45 -14.68 24.07
N SER C 7 12.61 -14.52 25.08
CA SER C 7 12.63 -15.35 26.28
C SER C 7 11.36 -15.04 27.07
N GLY C 8 11.28 -15.59 28.28
CA GLY C 8 10.13 -15.34 29.14
C GLY C 8 9.10 -16.45 29.11
N GLY C 9 9.56 -17.70 29.21
CA GLY C 9 8.65 -18.83 29.21
C GLY C 9 9.07 -19.86 30.23
N GLY C 10 8.10 -20.66 30.66
CA GLY C 10 8.37 -21.68 31.65
C GLY C 10 7.15 -22.55 31.86
N LEU C 11 7.30 -23.55 32.72
CA LEU C 11 6.22 -24.46 33.02
C LEU C 11 5.05 -23.71 33.64
N VAL C 12 3.84 -23.99 33.14
CA VAL C 12 2.63 -23.30 33.60
C VAL C 12 1.53 -24.33 33.76
N GLN C 13 0.81 -24.28 34.87
CA GLN C 13 -0.27 -25.21 35.11
C GLN C 13 -1.41 -24.96 34.12
N PRO C 14 -2.17 -26.00 33.76
CA PRO C 14 -3.24 -25.83 32.78
C PRO C 14 -4.29 -24.84 33.27
N GLY C 15 -4.85 -24.08 32.33
CA GLY C 15 -5.86 -23.09 32.63
C GLY C 15 -5.33 -21.70 32.95
N ARG C 16 -4.02 -21.53 33.07
CA ARG C 16 -3.43 -20.23 33.36
C ARG C 16 -3.13 -19.51 32.05
N SER C 17 -2.37 -18.41 32.14
CA SER C 17 -2.01 -17.62 30.98
C SER C 17 -0.53 -17.27 31.03
N LEU C 18 -0.03 -16.71 29.93
CA LEU C 18 1.38 -16.33 29.84
C LEU C 18 1.52 -15.25 28.77
N ARG C 19 2.66 -14.57 28.79
CA ARG C 19 2.93 -13.48 27.84
C ARG C 19 4.43 -13.46 27.56
N LEU C 20 4.82 -13.99 26.41
CA LEU C 20 6.22 -13.98 26.02
C LEU C 20 6.61 -12.61 25.49
N SER C 21 7.90 -12.46 25.20
CA SER C 21 8.43 -11.21 24.65
C SER C 21 9.56 -11.53 23.68
N CYS C 22 9.53 -10.87 22.52
CA CYS C 22 10.57 -11.01 21.51
C CYS C 22 11.08 -9.63 21.14
N ALA C 23 12.39 -9.44 21.22
CA ALA C 23 13.01 -8.14 20.98
C ALA C 23 13.94 -8.23 19.77
N ALA C 24 14.05 -7.13 19.04
CA ALA C 24 14.87 -7.04 17.85
C ALA C 24 16.08 -6.16 18.10
N SER C 25 16.98 -6.13 17.12
CA SER C 25 18.19 -5.33 17.19
C SER C 25 18.82 -5.29 15.81
N GLY C 26 19.32 -4.12 15.42
CA GLY C 26 19.95 -3.98 14.12
C GLY C 26 19.01 -3.47 13.04
N PHE C 27 18.45 -4.41 12.28
CA PHE C 27 17.57 -4.07 11.15
C PHE C 27 16.45 -3.15 11.59
N THR C 28 15.95 -2.36 10.64
CA THR C 28 14.88 -1.42 10.92
C THR C 28 13.61 -2.15 11.36
N PHE C 29 13.01 -1.67 12.44
CA PHE C 29 11.83 -2.32 13.01
C PHE C 29 10.55 -1.97 12.28
N ASP C 30 10.54 -0.89 11.49
CA ASP C 30 9.32 -0.39 10.87
C ASP C 30 9.13 -0.85 9.43
N ASP C 31 10.06 -1.64 8.89
CA ASP C 31 10.03 -1.98 7.47
C ASP C 31 9.64 -3.42 7.17
N TYR C 32 9.69 -4.31 8.16
CA TYR C 32 9.48 -5.74 7.89
C TYR C 32 8.48 -6.30 8.89
N ALA C 33 7.53 -7.08 8.39
CA ALA C 33 6.58 -7.77 9.25
C ALA C 33 7.23 -8.99 9.89
N MET C 34 6.58 -9.51 10.93
CA MET C 34 7.10 -10.66 11.65
C MET C 34 5.99 -11.66 11.91
N HIS C 35 6.39 -12.93 12.05
CA HIS C 35 5.48 -14.03 12.31
C HIS C 35 5.82 -14.65 13.66
N TRP C 36 5.17 -15.78 13.95
CA TRP C 36 5.46 -16.54 15.16
C TRP C 36 5.30 -18.02 14.81
N VAL C 37 6.41 -18.68 14.52
CA VAL C 37 6.42 -20.08 14.14
C VAL C 37 6.82 -20.92 15.34
N ARG C 38 6.02 -21.93 15.66
CA ARG C 38 6.28 -22.82 16.78
C ARG C 38 6.62 -24.20 16.27
N GLN C 39 7.54 -24.86 16.96
CA GLN C 39 7.92 -26.23 16.64
C GLN C 39 7.06 -27.17 17.46
N VAL C 40 7.43 -28.46 17.46
CA VAL C 40 6.91 -29.47 18.38
C VAL C 40 8.00 -30.51 18.54
N PRO C 41 8.38 -30.88 19.77
CA PRO C 41 9.43 -31.88 19.93
C PRO C 41 9.05 -33.19 19.26
N GLY C 42 10.02 -33.79 18.57
CA GLY C 42 9.78 -35.02 17.84
C GLY C 42 9.14 -34.80 16.48
N LYS C 43 8.09 -33.99 16.43
CA LYS C 43 7.35 -33.74 15.19
C LYS C 43 7.94 -32.53 14.47
N GLY C 44 7.23 -32.05 13.46
CA GLY C 44 7.69 -30.94 12.64
C GLY C 44 7.24 -29.60 13.20
N LEU C 45 7.27 -28.59 12.32
CA LEU C 45 6.91 -27.24 12.68
C LEU C 45 5.43 -26.98 12.42
N GLU C 46 4.98 -25.77 12.75
CA GLU C 46 3.60 -25.36 12.50
C GLU C 46 3.54 -23.84 12.56
N TRP C 47 2.43 -23.30 12.07
CA TRP C 47 2.21 -21.86 12.06
C TRP C 47 1.25 -21.46 13.17
N VAL C 48 1.45 -20.24 13.68
CA VAL C 48 0.66 -19.76 14.81
C VAL C 48 -0.11 -18.49 14.44
N SER C 49 0.61 -17.42 14.10
CA SER C 49 -0.01 -16.13 13.85
C SER C 49 0.95 -15.25 13.06
N GLY C 50 0.58 -13.98 12.90
CA GLY C 50 1.42 -13.02 12.22
C GLY C 50 0.90 -11.63 12.43
N ILE C 51 1.75 -10.66 12.14
CA ILE C 51 1.43 -9.24 12.33
C ILE C 51 1.95 -8.45 11.14
N SER C 52 1.21 -7.40 10.77
CA SER C 52 1.55 -6.56 9.63
C SER C 52 2.70 -5.64 9.98
N TRP C 53 3.02 -4.71 9.08
CA TRP C 53 4.14 -3.80 9.33
C TRP C 53 3.80 -2.80 10.42
N SER C 54 2.58 -2.26 10.42
CA SER C 54 2.12 -1.39 11.50
C SER C 54 0.95 -2.00 12.26
N SER C 55 -0.14 -2.31 11.57
CA SER C 55 -1.33 -2.94 12.14
C SER C 55 -2.33 -3.14 11.01
N GLY C 56 -3.43 -3.80 11.33
CA GLY C 56 -4.51 -3.97 10.38
C GLY C 56 -4.59 -5.34 9.76
N SER C 57 -3.45 -5.94 9.45
CA SER C 57 -3.39 -7.25 8.81
C SER C 57 -2.89 -8.26 9.86
N ILE C 58 -3.83 -8.86 10.57
CA ILE C 58 -3.54 -9.84 11.61
C ILE C 58 -4.13 -11.18 11.17
N GLY C 59 -3.31 -12.22 11.20
CA GLY C 59 -3.74 -13.54 10.80
C GLY C 59 -3.53 -14.54 11.91
N TYR C 60 -4.38 -15.57 11.92
CA TYR C 60 -4.34 -16.60 12.94
C TYR C 60 -4.53 -17.97 12.29
N ALA C 61 -4.05 -19.00 12.97
CA ALA C 61 -4.18 -20.37 12.51
C ALA C 61 -5.58 -20.88 12.84
N ASP C 62 -5.78 -22.20 12.74
CA ASP C 62 -7.08 -22.78 13.01
C ASP C 62 -7.36 -22.87 14.50
N SER C 63 -6.55 -23.65 15.23
CA SER C 63 -6.74 -23.77 16.67
C SER C 63 -6.34 -22.51 17.41
N VAL C 64 -5.42 -21.74 16.84
CA VAL C 64 -4.93 -20.52 17.50
C VAL C 64 -6.03 -19.48 17.62
N LYS C 65 -6.94 -19.41 16.65
CA LYS C 65 -7.93 -18.34 16.58
C LYS C 65 -8.74 -18.26 17.87
N GLY C 66 -8.85 -17.05 18.40
CA GLY C 66 -9.62 -16.78 19.61
C GLY C 66 -8.87 -16.99 20.92
N ARG C 67 -8.02 -18.01 20.98
CA ARG C 67 -7.33 -18.32 22.22
C ARG C 67 -6.20 -17.34 22.52
N PHE C 68 -5.44 -16.95 21.51
CA PHE C 68 -4.26 -16.11 21.71
C PHE C 68 -4.40 -14.82 20.92
N THR C 69 -3.63 -13.81 21.34
CA THR C 69 -3.58 -12.52 20.66
C THR C 69 -2.12 -12.15 20.43
N ILE C 70 -1.90 -11.29 19.43
CA ILE C 70 -0.56 -10.85 19.06
C ILE C 70 -0.58 -9.34 18.84
N SER C 71 0.42 -8.65 19.38
CA SER C 71 0.54 -7.21 19.23
C SER C 71 2.01 -6.84 19.23
N ARG C 72 2.31 -5.67 18.65
CA ARG C 72 3.68 -5.20 18.52
C ARG C 72 3.76 -3.73 18.91
N ASP C 73 4.96 -3.31 19.30
CA ASP C 73 5.24 -1.91 19.60
C ASP C 73 6.46 -1.47 18.81
N ASN C 74 6.34 -0.34 18.11
CA ASN C 74 7.41 0.15 17.25
C ASN C 74 8.42 1.00 17.97
N ALA C 75 8.21 1.30 19.25
CA ALA C 75 9.09 2.23 19.96
C ALA C 75 10.37 1.53 20.45
N LYS C 76 10.21 0.51 21.27
CA LYS C 76 11.35 -0.15 21.92
C LYS C 76 11.80 -1.41 21.20
N ASN C 77 11.29 -1.65 19.98
CA ASN C 77 11.69 -2.80 19.17
C ASN C 77 11.41 -4.11 19.91
N SER C 78 10.13 -4.36 20.15
CA SER C 78 9.70 -5.56 20.86
C SER C 78 8.46 -6.13 20.20
N LEU C 79 8.27 -7.44 20.40
CA LEU C 79 7.11 -8.15 19.91
C LEU C 79 6.48 -8.94 21.06
N TYR C 80 5.15 -8.91 21.14
CA TYR C 80 4.43 -9.53 22.24
C TYR C 80 3.43 -10.55 21.71
N LEU C 81 3.35 -11.69 22.38
CA LEU C 81 2.34 -12.70 22.10
C LEU C 81 1.60 -13.00 23.41
N GLN C 82 0.35 -12.58 23.49
CA GLN C 82 -0.47 -12.77 24.67
C GLN C 82 -1.40 -13.96 24.45
N MET C 83 -1.37 -14.91 25.39
CA MET C 83 -2.19 -16.10 25.29
C MET C 83 -2.88 -16.37 26.61
N ASN C 84 -3.98 -17.12 26.52
CA ASN C 84 -4.73 -17.54 27.70
C ASN C 84 -5.47 -18.82 27.37
N SER C 85 -5.86 -19.54 28.43
CA SER C 85 -6.57 -20.82 28.32
C SER C 85 -5.75 -21.82 27.50
N LEU C 86 -4.54 -22.10 28.00
CA LEU C 86 -3.67 -23.07 27.35
C LEU C 86 -4.20 -24.48 27.56
N ARG C 87 -3.69 -25.41 26.75
CA ARG C 87 -4.08 -26.81 26.82
C ARG C 87 -2.84 -27.67 26.96
N ALA C 88 -3.07 -28.97 27.15
CA ALA C 88 -1.97 -29.91 27.37
C ALA C 88 -1.19 -30.22 26.10
N GLU C 89 -1.79 -30.06 24.93
CA GLU C 89 -1.15 -30.40 23.67
C GLU C 89 -0.37 -29.23 23.07
N ASP C 90 -0.32 -28.08 23.74
CA ASP C 90 0.39 -26.92 23.25
C ASP C 90 1.78 -26.80 23.87
N THR C 91 2.41 -27.92 24.20
CA THR C 91 3.77 -27.92 24.73
C THR C 91 4.76 -27.97 23.56
N ALA C 92 5.64 -26.98 23.50
CA ALA C 92 6.61 -26.85 22.41
C ALA C 92 7.46 -25.62 22.65
N LEU C 93 8.48 -25.46 21.81
CA LEU C 93 9.23 -24.22 21.73
C LEU C 93 8.46 -23.19 20.91
N TYR C 94 8.96 -21.96 20.91
CA TYR C 94 8.34 -20.87 20.14
C TYR C 94 9.44 -20.00 19.57
N TYR C 95 9.39 -19.77 18.26
CA TYR C 95 10.43 -19.04 17.54
C TYR C 95 9.93 -17.69 17.08
N CYS C 96 10.84 -16.73 16.98
CA CYS C 96 10.57 -15.40 16.45
C CYS C 96 11.22 -15.30 15.07
N ALA C 97 10.46 -14.84 14.08
CA ALA C 97 10.94 -14.75 12.72
C ALA C 97 10.62 -13.39 12.13
N LYS C 98 11.46 -12.96 11.19
CA LYS C 98 11.28 -11.70 10.48
C LYS C 98 11.03 -12.00 9.01
N ASP C 99 10.00 -11.37 8.45
CA ASP C 99 9.62 -11.60 7.06
C ASP C 99 10.60 -10.87 6.13
N ARG C 100 10.32 -10.89 4.83
CA ARG C 100 11.13 -10.20 3.84
C ARG C 100 10.45 -8.99 3.24
N ALA C 101 9.14 -9.08 2.98
CA ALA C 101 8.37 -7.96 2.48
C ALA C 101 7.86 -7.13 3.66
N SER C 102 6.94 -6.21 3.40
CA SER C 102 6.34 -5.40 4.44
C SER C 102 4.99 -5.94 4.89
N SER C 103 4.75 -7.23 4.70
CA SER C 103 3.48 -7.84 5.06
C SER C 103 3.69 -9.32 5.32
N TRP C 104 2.70 -9.94 5.94
CA TRP C 104 2.78 -11.36 6.29
C TRP C 104 2.20 -12.26 5.22
N TYR C 105 1.79 -11.72 4.08
CA TYR C 105 1.04 -12.52 3.11
C TYR C 105 1.92 -13.54 2.38
N ALA C 106 3.19 -13.21 2.16
CA ALA C 106 4.08 -14.09 1.42
C ALA C 106 4.51 -15.31 2.23
N TYR C 107 4.31 -15.30 3.54
CA TYR C 107 4.69 -16.38 4.45
C TYR C 107 6.18 -16.66 4.46
N GLY C 108 6.98 -15.83 3.79
CA GLY C 108 8.41 -16.01 3.83
C GLY C 108 9.00 -15.54 5.13
N MET C 109 10.14 -16.13 5.50
CA MET C 109 10.81 -15.77 6.73
C MET C 109 12.30 -16.03 6.60
N ASP C 110 13.10 -15.21 7.29
CA ASP C 110 14.53 -15.41 7.38
C ASP C 110 15.02 -14.81 8.69
N VAL C 111 16.23 -15.22 9.08
CA VAL C 111 16.81 -14.84 10.37
C VAL C 111 15.86 -15.21 11.48
N TRP C 112 15.75 -16.49 11.79
CA TRP C 112 14.91 -16.96 12.87
C TRP C 112 15.52 -16.61 14.21
N GLY C 113 14.71 -16.70 15.27
CA GLY C 113 15.17 -16.37 16.60
C GLY C 113 16.02 -17.45 17.22
N GLN C 114 15.91 -17.64 18.53
CA GLN C 114 16.68 -18.65 19.24
C GLN C 114 15.81 -19.64 20.00
N GLY C 115 14.49 -19.46 20.01
CA GLY C 115 13.59 -20.39 20.65
C GLY C 115 13.44 -20.13 22.14
N THR C 116 12.43 -20.78 22.71
CA THR C 116 12.15 -20.72 24.14
C THR C 116 11.57 -22.06 24.57
N LEU C 117 10.96 -22.10 25.75
CA LEU C 117 10.33 -23.33 26.21
C LEU C 117 9.11 -22.98 27.05
N VAL C 118 7.99 -23.63 26.74
CA VAL C 118 6.77 -23.53 27.52
C VAL C 118 6.08 -24.88 27.52
N THR C 119 5.67 -25.35 28.70
CA THR C 119 5.02 -26.64 28.84
C THR C 119 3.81 -26.51 29.75
N VAL C 120 2.78 -27.30 29.46
CA VAL C 120 1.56 -27.34 30.25
C VAL C 120 1.42 -28.73 30.83
N SER C 121 1.42 -28.83 32.15
CA SER C 121 1.31 -30.12 32.82
C SER C 121 0.95 -29.88 34.28
N SER C 122 0.46 -30.94 34.93
CA SER C 122 0.15 -30.90 36.35
C SER C 122 1.40 -31.34 37.11
N ALA C 123 2.03 -30.39 37.81
CA ALA C 123 3.28 -30.66 38.52
C ALA C 123 2.96 -31.36 39.83
N SER C 124 3.38 -32.62 39.95
CA SER C 124 3.16 -33.40 41.16
C SER C 124 4.14 -34.56 41.16
N THR C 125 5.06 -34.56 42.13
CA THR C 125 6.03 -35.65 42.23
C THR C 125 5.35 -36.92 42.71
N LYS C 126 5.63 -38.03 42.03
CA LYS C 126 5.01 -39.31 42.36
C LYS C 126 6.08 -40.39 42.36
N GLY C 127 5.90 -41.37 43.24
CA GLY C 127 6.81 -42.49 43.36
C GLY C 127 6.75 -43.41 42.15
N PRO C 128 7.87 -44.03 41.82
CA PRO C 128 7.91 -44.93 40.66
C PRO C 128 7.34 -46.31 40.99
N SER C 129 6.93 -47.00 39.94
CA SER C 129 6.42 -48.36 40.03
C SER C 129 7.30 -49.28 39.20
N VAL C 130 7.74 -50.38 39.80
CA VAL C 130 8.63 -51.34 39.16
C VAL C 130 7.85 -52.62 38.92
N PHE C 131 7.80 -53.06 37.66
CA PHE C 131 7.05 -54.24 37.27
C PHE C 131 7.98 -55.24 36.59
N PRO C 132 7.81 -56.54 36.85
CA PRO C 132 8.68 -57.56 36.25
C PRO C 132 8.19 -57.93 34.86
N LEU C 133 9.02 -57.68 33.85
CA LEU C 133 8.69 -58.00 32.46
C LEU C 133 9.09 -59.44 32.18
N ALA C 134 8.11 -60.30 31.89
CA ALA C 134 8.39 -61.70 31.68
C ALA C 134 9.21 -61.90 30.40
N PRO C 135 10.18 -62.81 30.41
CA PRO C 135 10.98 -63.07 29.21
C PRO C 135 10.30 -64.05 28.27
N SER C 136 10.99 -64.43 27.20
CA SER C 136 10.43 -65.40 26.26
C SER C 136 10.30 -66.78 26.91
N SER C 137 9.34 -67.55 26.42
CA SER C 137 9.04 -68.87 26.99
C SER C 137 10.10 -69.88 26.52
N LYS C 138 11.29 -69.74 27.10
CA LYS C 138 12.42 -70.65 26.85
C LYS C 138 12.76 -70.72 25.36
N SER C 139 12.68 -69.58 24.68
CA SER C 139 13.05 -69.49 23.27
C SER C 139 14.18 -68.48 23.13
N THR C 140 15.26 -68.90 22.48
CA THR C 140 16.43 -68.06 22.30
C THR C 140 16.91 -68.15 20.86
N SER C 141 17.60 -67.10 20.42
CA SER C 141 18.14 -67.02 19.07
C SER C 141 19.61 -67.44 19.00
N GLY C 142 20.44 -66.89 19.89
CA GLY C 142 21.85 -67.24 19.92
C GLY C 142 22.36 -67.56 21.30
N GLY C 143 21.48 -68.10 22.15
CA GLY C 143 21.82 -68.45 23.51
C GLY C 143 21.54 -67.38 24.54
N THR C 144 21.23 -66.16 24.12
CA THR C 144 20.94 -65.07 25.05
C THR C 144 19.45 -65.03 25.38
N ALA C 145 19.12 -64.30 26.43
CA ALA C 145 17.75 -64.14 26.88
C ALA C 145 17.44 -62.66 27.04
N ALA C 146 16.18 -62.30 26.80
CA ALA C 146 15.72 -60.92 26.87
C ALA C 146 14.79 -60.78 28.08
N LEU C 147 15.31 -60.19 29.14
CA LEU C 147 14.53 -59.94 30.35
C LEU C 147 15.03 -58.66 30.98
N GLY C 148 14.13 -57.97 31.68
CA GLY C 148 14.50 -56.70 32.30
C GLY C 148 13.41 -56.20 33.21
N CYS C 149 13.66 -55.03 33.78
CA CYS C 149 12.75 -54.37 34.71
C CYS C 149 12.26 -53.06 34.12
N LEU C 150 10.99 -52.73 34.38
CA LEU C 150 10.38 -51.51 33.89
C LEU C 150 10.06 -50.62 35.08
N VAL C 151 10.52 -49.37 35.02
CA VAL C 151 10.24 -48.36 36.04
C VAL C 151 9.32 -47.33 35.40
N LYS C 152 8.21 -47.03 36.07
CA LYS C 152 7.15 -46.23 35.49
C LYS C 152 6.75 -45.11 36.46
N ASP C 153 6.36 -43.97 35.88
CA ASP C 153 5.76 -42.86 36.61
C ASP C 153 6.70 -42.31 37.68
N TYR C 154 7.83 -41.78 37.23
CA TYR C 154 8.72 -40.99 38.07
C TYR C 154 8.95 -39.63 37.41
N PHE C 155 8.94 -38.57 38.21
CA PHE C 155 9.01 -37.20 37.71
C PHE C 155 9.24 -36.22 38.85
N PRO C 156 10.17 -35.25 38.72
CA PRO C 156 11.18 -34.98 37.73
C PRO C 156 12.13 -36.12 37.34
N GLU C 157 13.01 -35.83 36.39
CA GLU C 157 14.18 -36.64 36.12
C GLU C 157 15.28 -36.31 37.14
N PRO C 158 16.29 -37.19 37.28
CA PRO C 158 16.48 -38.50 36.67
C PRO C 158 16.33 -39.66 37.65
N VAL C 159 16.49 -40.89 37.16
CA VAL C 159 16.52 -42.08 38.02
C VAL C 159 17.72 -42.93 37.63
N THR C 160 18.18 -43.74 38.58
CA THR C 160 19.29 -44.64 38.38
C THR C 160 18.84 -46.07 38.68
N VAL C 161 19.08 -46.98 37.73
CA VAL C 161 18.65 -48.36 37.84
C VAL C 161 19.87 -49.26 37.70
N SER C 162 20.05 -50.16 38.67
CA SER C 162 21.12 -51.14 38.65
C SER C 162 20.52 -52.52 38.87
N TRP C 163 21.34 -53.56 38.67
CA TRP C 163 20.91 -54.94 38.81
C TRP C 163 21.71 -55.62 39.91
N ASN C 164 21.00 -56.29 40.81
CA ASN C 164 21.57 -57.03 41.94
C ASN C 164 22.76 -56.30 42.56
N SER C 165 22.48 -55.07 43.00
CA SER C 165 23.47 -54.21 43.66
C SER C 165 24.69 -53.95 42.77
N GLY C 166 24.48 -53.93 41.46
CA GLY C 166 25.57 -53.65 40.53
C GLY C 166 26.60 -54.75 40.41
N ALA C 167 26.24 -55.99 40.76
CA ALA C 167 27.20 -57.09 40.64
C ALA C 167 27.58 -57.34 39.19
N LEU C 168 26.60 -57.34 38.29
CA LEU C 168 26.84 -57.53 36.86
C LEU C 168 26.39 -56.29 36.11
N THR C 169 27.31 -55.71 35.33
CA THR C 169 27.01 -54.56 34.49
C THR C 169 27.13 -54.86 33.00
N SER C 170 27.69 -56.00 32.62
CA SER C 170 27.85 -56.34 31.21
C SER C 170 26.53 -56.85 30.63
N GLY C 171 26.20 -56.35 29.43
CA GLY C 171 25.00 -56.76 28.75
C GLY C 171 23.77 -55.93 29.06
N VAL C 172 23.85 -55.01 30.02
CA VAL C 172 22.72 -54.15 30.33
C VAL C 172 22.67 -52.97 29.37
N HIS C 173 21.47 -52.42 29.19
CA HIS C 173 21.26 -51.30 28.27
C HIS C 173 20.32 -50.32 28.94
N THR C 174 20.83 -49.14 29.28
CA THR C 174 20.04 -48.09 29.93
C THR C 174 19.44 -47.22 28.83
N PHE C 175 18.23 -47.57 28.42
CA PHE C 175 17.54 -46.79 27.39
C PHE C 175 17.11 -45.44 27.97
N PRO C 176 17.06 -44.40 27.13
CA PRO C 176 16.70 -43.06 27.63
C PRO C 176 15.27 -43.02 28.12
N ALA C 177 15.03 -42.14 29.08
CA ALA C 177 13.70 -41.97 29.65
C ALA C 177 12.75 -41.38 28.61
N VAL C 178 11.46 -41.69 28.76
CA VAL C 178 10.45 -41.28 27.81
C VAL C 178 9.54 -40.25 28.46
N LEU C 179 8.72 -39.60 27.63
CA LEU C 179 7.77 -38.59 28.07
C LEU C 179 6.43 -38.84 27.37
N GLN C 180 5.44 -39.31 28.14
CA GLN C 180 4.12 -39.56 27.58
C GLN C 180 3.26 -38.30 27.71
N SER C 181 1.98 -38.43 27.35
CA SER C 181 1.06 -37.30 27.43
C SER C 181 0.81 -36.89 28.87
N SER C 182 0.81 -37.84 29.80
CA SER C 182 0.55 -37.55 31.20
C SER C 182 1.68 -36.74 31.86
N GLY C 183 2.82 -36.61 31.19
CA GLY C 183 3.95 -35.89 31.75
C GLY C 183 4.90 -36.71 32.59
N LEU C 184 4.56 -37.97 32.87
CA LEU C 184 5.42 -38.83 33.65
C LEU C 184 6.53 -39.41 32.76
N TYR C 185 7.53 -40.01 33.40
CA TYR C 185 8.66 -40.60 32.71
C TYR C 185 8.73 -42.09 33.00
N SER C 186 9.27 -42.85 32.04
CA SER C 186 9.41 -44.30 32.19
C SER C 186 10.55 -44.77 31.33
N LEU C 187 11.15 -45.89 31.73
CA LEU C 187 12.19 -46.54 30.95
C LEU C 187 12.23 -48.01 31.31
N SER C 188 12.84 -48.81 30.42
CA SER C 188 13.02 -50.23 30.64
C SER C 188 14.49 -50.59 30.43
N SER C 189 15.08 -51.28 31.41
CA SER C 189 16.46 -51.72 31.35
C SER C 189 16.47 -53.24 31.32
N VAL C 190 17.05 -53.81 30.27
CA VAL C 190 17.09 -55.25 30.08
C VAL C 190 18.52 -55.75 30.24
N VAL C 191 18.64 -57.04 30.57
CA VAL C 191 19.92 -57.69 30.76
C VAL C 191 19.99 -58.91 29.84
N THR C 192 21.09 -59.04 29.12
CA THR C 192 21.31 -60.18 28.22
C THR C 192 22.07 -61.25 29.00
N VAL C 193 21.37 -62.31 29.37
CA VAL C 193 21.96 -63.41 30.13
C VAL C 193 21.67 -64.69 29.37
N PRO C 194 22.49 -65.73 29.56
CA PRO C 194 22.23 -67.00 28.87
C PRO C 194 20.87 -67.57 29.24
N SER C 195 20.21 -68.19 28.25
CA SER C 195 18.89 -68.76 28.45
C SER C 195 18.89 -69.96 29.38
N SER C 196 20.05 -70.52 29.67
CA SER C 196 20.13 -71.64 30.61
C SER C 196 19.86 -71.23 32.05
N SER C 197 19.85 -69.93 32.35
CA SER C 197 19.61 -69.43 33.69
C SER C 197 18.14 -69.13 33.96
N LEU C 198 17.26 -69.36 32.99
CA LEU C 198 15.83 -69.11 33.18
C LEU C 198 15.25 -70.17 34.09
N GLY C 199 14.83 -69.77 35.30
CA GLY C 199 14.30 -70.68 36.28
C GLY C 199 15.32 -71.23 37.25
N THR C 200 16.62 -71.02 37.01
CA THR C 200 17.66 -71.49 37.91
C THR C 200 18.46 -70.37 38.55
N GLN C 201 18.40 -69.15 38.00
CA GLN C 201 19.11 -68.01 38.53
C GLN C 201 18.13 -66.87 38.79
N THR C 202 18.32 -66.17 39.90
CA THR C 202 17.46 -65.06 40.29
C THR C 202 18.17 -63.75 40.03
N TYR C 203 17.53 -62.87 39.27
CA TYR C 203 18.06 -61.55 38.95
C TYR C 203 17.16 -60.49 39.55
N ILE C 204 17.75 -59.58 40.31
CA ILE C 204 17.00 -58.53 41.02
C ILE C 204 17.47 -57.17 40.49
N CYS C 205 16.51 -56.32 40.15
CA CYS C 205 16.79 -54.98 39.66
C CYS C 205 16.68 -53.98 40.80
N ASN C 206 17.68 -53.10 40.92
CA ASN C 206 17.72 -52.09 41.96
C ASN C 206 17.40 -50.74 41.35
N VAL C 207 16.42 -50.03 41.94
CA VAL C 207 15.95 -48.76 41.43
C VAL C 207 16.24 -47.68 42.46
N ASN C 208 16.86 -46.60 42.02
CA ASN C 208 17.19 -45.46 42.87
C ASN C 208 16.47 -44.22 42.35
N HIS C 209 15.73 -43.54 43.22
CA HIS C 209 14.99 -42.34 42.88
C HIS C 209 15.26 -41.30 43.95
N LYS C 210 15.93 -40.21 43.59
CA LYS C 210 16.34 -39.18 44.55
C LYS C 210 15.19 -38.23 44.92
N PRO C 211 14.45 -37.67 43.96
CA PRO C 211 13.37 -36.74 44.35
C PRO C 211 12.32 -37.36 45.26
N SER C 212 11.97 -38.63 45.04
CA SER C 212 10.95 -39.30 45.83
C SER C 212 11.51 -40.18 46.94
N ASN C 213 12.83 -40.33 47.01
CA ASN C 213 13.48 -41.16 48.03
C ASN C 213 12.93 -42.58 48.03
N THR C 214 12.78 -43.15 46.85
CA THR C 214 12.20 -44.48 46.66
C THR C 214 13.27 -45.46 46.22
N LYS C 215 13.33 -46.60 46.90
CA LYS C 215 14.25 -47.68 46.53
C LYS C 215 13.50 -49.00 46.68
N VAL C 216 13.17 -49.61 45.54
CA VAL C 216 12.41 -50.85 45.51
C VAL C 216 13.14 -51.85 44.62
N ASP C 217 13.35 -53.07 45.13
CA ASP C 217 13.98 -54.14 44.38
C ASP C 217 12.92 -55.14 43.95
N LYS C 218 12.93 -55.49 42.66
CA LYS C 218 11.95 -56.41 42.09
C LYS C 218 12.68 -57.56 41.41
N LYS C 219 12.13 -58.76 41.52
CA LYS C 219 12.70 -59.95 40.91
C LYS C 219 11.88 -60.34 39.69
N VAL C 220 12.56 -60.54 38.57
CA VAL C 220 11.90 -60.92 37.32
C VAL C 220 11.64 -62.42 37.29
N ASN D 1 -7.40 -27.70 2.77
CA ASN D 1 -6.03 -27.46 2.32
C ASN D 1 -5.44 -28.71 1.69
N PHE D 2 -4.25 -29.08 2.14
CA PHE D 2 -3.54 -30.23 1.59
C PHE D 2 -2.59 -30.76 2.66
N MET D 3 -1.69 -31.65 2.26
CA MET D 3 -0.69 -32.21 3.18
C MET D 3 0.57 -32.48 2.39
N LEU D 4 1.67 -31.83 2.79
CA LEU D 4 2.94 -31.98 2.09
C LEU D 4 3.70 -33.15 2.68
N THR D 5 4.17 -34.05 1.82
CA THR D 5 4.85 -35.27 2.23
C THR D 5 6.21 -35.36 1.56
N GLN D 6 7.10 -36.09 2.22
CA GLN D 6 8.46 -36.30 1.72
C GLN D 6 9.00 -37.57 2.33
N PRO D 7 10.05 -38.16 1.74
CA PRO D 7 10.62 -39.38 2.31
C PRO D 7 11.14 -39.15 3.72
N HIS D 8 11.07 -40.21 4.53
CA HIS D 8 11.40 -40.07 5.94
C HIS D 8 12.88 -39.75 6.14
N SER D 9 13.76 -40.47 5.45
CA SER D 9 15.20 -40.30 5.65
C SER D 9 15.95 -40.71 4.40
N VAL D 10 17.21 -40.31 4.35
CA VAL D 10 18.10 -40.64 3.23
C VAL D 10 19.54 -40.66 3.74
N SER D 11 20.37 -41.49 3.10
CA SER D 11 21.77 -41.62 3.47
C SER D 11 22.61 -41.71 2.22
N GLU D 12 23.87 -41.27 2.32
CA GLU D 12 24.75 -41.22 1.17
C GLU D 12 26.19 -41.01 1.64
N SER D 13 27.11 -41.82 1.13
CA SER D 13 28.52 -41.63 1.41
C SER D 13 29.06 -40.43 0.63
N PRO D 14 30.01 -39.69 1.19
CA PRO D 14 30.44 -38.43 0.58
C PRO D 14 30.98 -38.64 -0.84
N GLY D 15 30.67 -37.68 -1.72
CA GLY D 15 31.16 -37.66 -3.08
C GLY D 15 30.06 -37.60 -4.13
N LYS D 16 28.94 -38.27 -3.88
CA LYS D 16 27.87 -38.38 -4.86
C LYS D 16 26.79 -37.33 -4.59
N THR D 17 25.68 -37.44 -5.31
CA THR D 17 24.59 -36.47 -5.27
C THR D 17 23.39 -37.09 -4.56
N VAL D 18 22.78 -36.33 -3.65
CA VAL D 18 21.61 -36.76 -2.90
C VAL D 18 20.38 -36.06 -3.46
N THR D 19 19.24 -36.75 -3.42
CA THR D 19 17.98 -36.23 -3.91
C THR D 19 16.93 -36.28 -2.81
N ILE D 20 16.20 -35.18 -2.63
CA ILE D 20 15.11 -35.09 -1.67
C ILE D 20 13.90 -34.53 -2.38
N SER D 21 12.76 -35.21 -2.21
CA SER D 21 11.52 -34.82 -2.87
C SER D 21 10.56 -34.20 -1.87
N CYS D 22 9.50 -33.57 -2.41
CA CYS D 22 8.45 -32.97 -1.60
C CYS D 22 7.19 -32.95 -2.47
N THR D 23 6.24 -33.82 -2.17
CA THR D 23 5.13 -34.11 -3.07
C THR D 23 3.87 -33.35 -2.64
N ARG D 24 3.28 -32.64 -3.58
CA ARG D 24 2.03 -31.93 -3.35
C ARG D 24 0.87 -32.91 -3.26
N SER D 25 -0.11 -32.60 -2.41
CA SER D 25 -1.29 -33.45 -2.29
C SER D 25 -2.30 -33.17 -3.39
N SER D 26 -2.81 -31.94 -3.44
CA SER D 26 -3.80 -31.55 -4.44
C SER D 26 -3.39 -30.22 -5.07
N GLY D 27 -3.74 -30.06 -6.33
CA GLY D 27 -3.40 -28.86 -7.06
C GLY D 27 -1.99 -28.89 -7.63
N SER D 28 -1.76 -28.04 -8.61
CA SER D 28 -0.45 -27.98 -9.26
C SER D 28 0.60 -27.42 -8.29
N ILE D 29 1.78 -28.03 -8.32
CA ILE D 29 2.88 -27.53 -7.50
C ILE D 29 3.34 -26.15 -7.97
N ALA D 30 3.10 -25.81 -9.23
CA ALA D 30 3.47 -24.49 -9.74
C ALA D 30 2.49 -23.40 -9.35
N SER D 31 1.38 -23.76 -8.72
CA SER D 31 0.41 -22.76 -8.29
C SER D 31 0.99 -21.83 -7.23
N ASN D 32 1.81 -22.36 -6.33
CA ASN D 32 2.42 -21.60 -5.26
C ASN D 32 3.90 -21.91 -5.18
N TYR D 33 4.63 -21.08 -4.44
CA TYR D 33 6.08 -21.18 -4.37
C TYR D 33 6.48 -22.31 -3.42
N VAL D 34 7.78 -22.58 -3.36
CA VAL D 34 8.35 -23.63 -2.52
C VAL D 34 9.70 -23.16 -1.99
N GLN D 35 9.95 -23.41 -0.72
CA GLN D 35 11.22 -23.06 -0.10
C GLN D 35 11.65 -24.19 0.84
N TRP D 36 12.96 -24.26 1.10
CA TRP D 36 13.53 -25.30 1.94
C TRP D 36 14.30 -24.68 3.08
N TYR D 37 14.39 -25.42 4.19
CA TYR D 37 14.98 -24.93 5.43
C TYR D 37 16.11 -25.84 5.87
N GLN D 38 17.20 -25.22 6.32
CA GLN D 38 18.37 -25.92 6.84
C GLN D 38 18.51 -25.65 8.33
N GLN D 39 18.60 -26.72 9.13
CA GLN D 39 18.74 -26.60 10.57
C GLN D 39 19.64 -27.71 11.08
N ARG D 40 20.67 -27.33 11.82
CA ARG D 40 21.41 -28.39 12.49
C ARG D 40 20.78 -28.69 13.84
N PRO D 41 20.90 -29.92 14.34
CA PRO D 41 20.30 -30.26 15.63
C PRO D 41 20.84 -29.37 16.74
N GLY D 42 19.93 -28.91 17.60
CA GLY D 42 20.29 -28.00 18.68
C GLY D 42 20.39 -26.55 18.28
N SER D 43 20.37 -26.23 17.00
CA SER D 43 20.46 -24.87 16.52
C SER D 43 19.08 -24.37 16.08
N SER D 44 19.05 -23.18 15.48
CA SER D 44 17.81 -22.60 14.98
C SER D 44 17.74 -22.75 13.46
N PRO D 45 16.54 -23.03 12.93
CA PRO D 45 16.42 -23.18 11.47
C PRO D 45 16.79 -21.89 10.75
N THR D 46 17.42 -22.06 9.59
CA THR D 46 17.81 -20.94 8.75
C THR D 46 17.51 -21.27 7.30
N THR D 47 17.29 -20.23 6.50
CA THR D 47 16.95 -20.42 5.11
C THR D 47 18.16 -20.83 4.29
N VAL D 48 17.96 -21.76 3.37
CA VAL D 48 19.00 -22.21 2.45
C VAL D 48 18.64 -21.90 1.00
N ILE D 49 17.39 -22.11 0.61
CA ILE D 49 16.92 -21.81 -0.74
C ILE D 49 15.47 -21.33 -0.64
N TYR D 50 15.18 -20.20 -1.27
CA TYR D 50 13.87 -19.58 -1.19
C TYR D 50 13.42 -19.14 -2.57
N ASP D 51 12.10 -19.03 -2.74
CA ASP D 51 11.49 -18.56 -3.96
C ASP D 51 11.93 -19.40 -5.17
N ASP D 52 11.55 -20.68 -5.13
CA ASP D 52 11.88 -21.64 -6.17
C ASP D 52 13.38 -21.85 -6.28
N ASN D 53 14.02 -21.16 -7.22
CA ASN D 53 15.45 -21.30 -7.47
C ASN D 53 16.20 -19.98 -7.21
N GLN D 54 16.55 -19.77 -5.94
CA GLN D 54 17.32 -18.61 -5.52
C GLN D 54 18.13 -18.98 -4.29
N ARG D 55 19.16 -18.19 -4.01
CA ARG D 55 19.99 -18.39 -2.83
C ARG D 55 20.21 -17.05 -2.13
N PRO D 56 19.89 -16.94 -0.85
CA PRO D 56 20.18 -15.70 -0.12
C PRO D 56 21.68 -15.48 0.02
N SER D 57 22.05 -14.22 0.22
CA SER D 57 23.45 -13.83 0.38
C SER D 57 24.10 -14.57 1.54
N GLY D 58 25.06 -15.44 1.24
CA GLY D 58 25.71 -16.24 2.26
C GLY D 58 25.74 -17.71 1.91
N VAL D 59 24.78 -18.14 1.10
CA VAL D 59 24.72 -19.54 0.67
C VAL D 59 25.88 -19.82 -0.28
N PRO D 60 26.66 -20.90 -0.07
CA PRO D 60 27.82 -21.19 -0.91
C PRO D 60 27.47 -21.93 -2.20
N ASN D 61 26.43 -21.46 -2.89
CA ASN D 61 25.94 -22.04 -4.14
C ASN D 61 25.66 -23.53 -3.90
N ARG D 62 26.22 -24.44 -4.69
CA ARG D 62 26.12 -25.88 -4.44
C ARG D 62 24.68 -26.37 -4.52
N PHE D 63 23.87 -26.01 -3.53
CA PHE D 63 22.47 -26.43 -3.53
C PHE D 63 21.72 -25.79 -4.67
N SER D 64 20.90 -26.58 -5.37
CA SER D 64 20.17 -26.12 -6.53
C SER D 64 18.69 -26.45 -6.39
N GLY D 65 17.86 -25.65 -7.04
CA GLY D 65 16.42 -25.79 -6.98
C GLY D 65 15.85 -26.55 -8.16
N SER D 66 14.70 -27.18 -7.94
CA SER D 66 14.02 -27.94 -8.99
C SER D 66 12.55 -28.02 -8.64
N ILE D 67 11.71 -27.45 -9.50
CA ILE D 67 10.27 -27.46 -9.31
C ILE D 67 9.69 -28.26 -10.49
N ASP D 68 10.43 -29.27 -10.94
CA ASP D 68 9.96 -30.12 -12.01
C ASP D 68 8.62 -30.71 -11.62
N SER D 69 7.62 -30.54 -12.49
CA SER D 69 6.26 -30.94 -12.15
C SER D 69 6.17 -32.45 -11.93
N SER D 70 6.64 -33.24 -12.89
CA SER D 70 6.54 -34.69 -12.87
C SER D 70 5.17 -35.15 -12.36
N SER D 71 5.17 -35.86 -11.24
CA SER D 71 3.92 -36.29 -10.59
C SER D 71 3.55 -35.32 -9.48
N ASN D 72 3.44 -34.04 -9.83
CA ASN D 72 3.04 -32.98 -8.93
C ASN D 72 3.90 -32.96 -7.67
N SER D 73 5.21 -32.75 -7.87
CA SER D 73 6.17 -32.76 -6.78
C SER D 73 7.18 -31.64 -6.99
N ALA D 74 8.15 -31.57 -6.08
CA ALA D 74 9.23 -30.59 -6.17
C ALA D 74 10.42 -31.15 -5.42
N SER D 75 11.55 -31.29 -6.10
CA SER D 75 12.73 -31.96 -5.56
C SER D 75 13.81 -30.95 -5.19
N LEU D 76 14.79 -31.43 -4.43
CA LEU D 76 15.94 -30.63 -4.03
C LEU D 76 17.19 -31.37 -4.50
N ILE D 77 18.01 -30.68 -5.30
CA ILE D 77 19.21 -31.27 -5.90
C ILE D 77 20.42 -30.53 -5.35
N ILE D 78 21.36 -31.29 -4.79
CA ILE D 78 22.58 -30.75 -4.19
C ILE D 78 23.77 -31.41 -4.87
N SER D 79 24.76 -30.60 -5.25
CA SER D 79 25.96 -31.12 -5.87
C SER D 79 26.73 -32.00 -4.89
N GLY D 80 27.68 -32.76 -5.43
CA GLY D 80 28.41 -33.72 -4.62
C GLY D 80 29.29 -33.09 -3.56
N LEU D 81 28.84 -33.19 -2.31
CA LEU D 81 29.58 -32.74 -1.14
C LEU D 81 28.83 -33.17 0.11
N LYS D 82 29.57 -33.59 1.13
CA LYS D 82 28.97 -33.94 2.41
C LYS D 82 29.47 -33.04 3.54
N THR D 83 30.80 -32.96 3.73
CA THR D 83 31.40 -32.16 4.80
C THR D 83 30.69 -32.36 6.13
N GLU D 84 30.29 -31.26 6.76
CA GLU D 84 29.51 -31.29 7.99
C GLU D 84 28.05 -30.94 7.76
N ASP D 85 27.64 -30.70 6.51
CA ASP D 85 26.27 -30.30 6.19
C ASP D 85 25.43 -31.55 5.99
N GLU D 86 24.87 -32.06 7.09
CA GLU D 86 24.03 -33.25 7.05
C GLU D 86 23.08 -33.17 8.25
N ALA D 87 21.83 -32.79 8.00
CA ALA D 87 20.87 -32.60 9.07
C ALA D 87 19.46 -32.64 8.46
N ASP D 88 18.47 -32.25 9.24
CA ASP D 88 17.08 -32.37 8.82
C ASP D 88 16.72 -31.28 7.80
N TYR D 89 15.63 -31.53 7.08
CA TYR D 89 15.15 -30.63 6.04
C TYR D 89 13.65 -30.48 6.12
N TYR D 90 13.15 -29.35 5.61
CA TYR D 90 11.72 -29.07 5.59
C TYR D 90 11.38 -28.28 4.34
N CYS D 91 10.28 -28.65 3.69
CA CYS D 91 9.76 -27.93 2.53
C CYS D 91 8.46 -27.24 2.91
N GLN D 92 8.39 -25.94 2.68
CA GLN D 92 7.23 -25.13 3.01
C GLN D 92 6.71 -24.43 1.77
N SER D 93 5.40 -24.47 1.56
CA SER D 93 4.78 -23.80 0.41
C SER D 93 3.88 -22.65 0.83
N THR D 94 2.86 -22.91 1.66
CA THR D 94 1.97 -21.86 2.12
C THR D 94 1.27 -22.36 3.38
N ARG D 95 1.65 -21.82 4.53
CA ARG D 95 1.01 -22.12 5.81
C ARG D 95 1.16 -23.59 6.19
N VAL D 96 1.88 -24.37 5.39
CA VAL D 96 2.05 -25.79 5.61
C VAL D 96 3.53 -26.14 5.52
N PHE D 97 3.97 -27.04 6.39
CA PHE D 97 5.35 -27.49 6.42
C PHE D 97 5.41 -28.98 6.12
N GLY D 98 6.57 -29.42 5.62
CA GLY D 98 6.75 -30.80 5.29
C GLY D 98 6.94 -31.68 6.52
N GLY D 99 6.92 -32.99 6.28
CA GLY D 99 7.11 -33.93 7.38
C GLY D 99 8.48 -33.81 8.01
N GLY D 100 9.51 -33.69 7.19
CA GLY D 100 10.87 -33.55 7.70
C GLY D 100 11.74 -34.76 7.44
N THR D 101 12.81 -34.56 6.69
CA THR D 101 13.77 -35.61 6.40
C THR D 101 15.17 -35.15 6.78
N LYS D 102 16.00 -36.10 7.20
CA LYS D 102 17.35 -35.80 7.65
C LYS D 102 18.36 -36.45 6.72
N LEU D 103 19.52 -35.80 6.60
CA LEU D 103 20.62 -36.29 5.78
C LEU D 103 21.64 -36.96 6.69
N THR D 104 21.88 -38.25 6.47
CA THR D 104 22.81 -39.03 7.29
C THR D 104 24.01 -39.40 6.41
N VAL D 105 25.17 -38.82 6.73
CA VAL D 105 26.38 -39.16 6.01
C VAL D 105 26.82 -40.57 6.39
N LEU D 106 27.44 -41.26 5.44
CA LEU D 106 27.82 -42.65 5.64
C LEU D 106 29.28 -42.73 6.10
N GLY D 107 29.48 -43.25 7.31
CA GLY D 107 30.80 -43.50 7.84
C GLY D 107 31.06 -44.99 7.97
N GLN D 108 30.87 -45.50 9.19
CA GLN D 108 30.95 -46.93 9.43
C GLN D 108 29.87 -47.65 8.64
N PRO D 109 30.09 -48.93 8.30
CA PRO D 109 29.08 -49.64 7.51
C PRO D 109 27.79 -49.85 8.29
N LYS D 110 26.68 -49.91 7.56
CA LYS D 110 25.37 -50.02 8.16
C LYS D 110 25.15 -51.42 8.73
N ALA D 111 24.23 -51.51 9.69
CA ALA D 111 23.85 -52.78 10.31
C ALA D 111 22.35 -52.80 10.53
N ALA D 112 21.79 -54.00 10.53
CA ALA D 112 20.35 -54.15 10.72
C ALA D 112 19.97 -53.87 12.18
N PRO D 113 18.81 -53.27 12.41
CA PRO D 113 18.37 -53.02 13.79
C PRO D 113 17.97 -54.31 14.49
N SER D 114 18.06 -54.26 15.81
CA SER D 114 17.63 -55.36 16.68
C SER D 114 16.38 -54.92 17.42
N VAL D 115 15.29 -55.69 17.26
CA VAL D 115 13.99 -55.36 17.83
C VAL D 115 13.56 -56.48 18.75
N THR D 116 13.20 -56.14 19.98
CA THR D 116 12.68 -57.08 20.96
C THR D 116 11.34 -56.57 21.46
N LEU D 117 10.34 -57.45 21.50
CA LEU D 117 9.00 -57.10 21.92
C LEU D 117 8.69 -57.76 23.26
N PHE D 118 8.27 -56.97 24.23
CA PHE D 118 7.92 -57.48 25.56
C PHE D 118 6.43 -57.32 25.80
N PRO D 119 5.66 -58.40 25.88
CA PRO D 119 4.23 -58.28 26.19
C PRO D 119 4.03 -57.79 27.61
N PRO D 120 2.89 -57.14 27.90
CA PRO D 120 2.65 -56.64 29.26
C PRO D 120 2.63 -57.76 30.27
N SER D 121 3.13 -57.46 31.46
CA SER D 121 3.26 -58.46 32.52
C SER D 121 1.89 -58.85 33.06
N SER D 122 1.83 -60.07 33.61
CA SER D 122 0.60 -60.55 34.21
C SER D 122 0.23 -59.72 35.44
N GLU D 123 1.22 -59.33 36.24
CA GLU D 123 0.95 -58.49 37.39
C GLU D 123 0.39 -57.13 36.99
N GLU D 124 0.75 -56.65 35.80
CA GLU D 124 0.20 -55.39 35.31
C GLU D 124 -1.28 -55.52 35.03
N LEU D 125 -1.73 -56.68 34.53
CA LEU D 125 -3.14 -56.90 34.29
C LEU D 125 -3.96 -56.87 35.58
N GLN D 126 -3.33 -57.11 36.73
CA GLN D 126 -4.04 -57.02 38.00
C GLN D 126 -4.43 -55.57 38.30
N ALA D 127 -3.59 -54.61 37.92
CA ALA D 127 -3.86 -53.20 38.13
C ALA D 127 -4.60 -52.55 36.97
N ASN D 128 -5.26 -53.35 36.13
CA ASN D 128 -6.02 -52.85 34.98
C ASN D 128 -5.15 -52.03 34.04
N LYS D 129 -3.91 -52.49 33.83
CA LYS D 129 -2.98 -51.84 32.93
C LYS D 129 -2.30 -52.89 32.05
N ALA D 130 -1.88 -52.47 30.87
CA ALA D 130 -1.18 -53.35 29.94
C ALA D 130 -0.32 -52.51 29.02
N THR D 131 0.99 -52.52 29.25
CA THR D 131 1.94 -51.73 28.48
C THR D 131 2.81 -52.66 27.64
N LEU D 132 2.87 -52.38 26.34
CA LEU D 132 3.70 -53.15 25.42
C LEU D 132 5.06 -52.45 25.29
N VAL D 133 6.13 -53.23 25.43
CA VAL D 133 7.49 -52.71 25.40
C VAL D 133 8.16 -53.22 24.13
N CYS D 134 8.50 -52.30 23.23
CA CYS D 134 9.26 -52.62 22.03
C CYS D 134 10.59 -51.87 22.09
N LEU D 135 11.69 -52.61 22.04
CA LEU D 135 13.02 -52.05 22.23
C LEU D 135 13.83 -52.19 20.95
N ILE D 136 14.53 -51.10 20.59
CA ILE D 136 15.39 -51.07 19.42
C ILE D 136 16.80 -50.71 19.88
N SER D 137 17.79 -51.48 19.43
CA SER D 137 19.17 -51.27 19.81
C SER D 137 20.07 -51.42 18.60
N ASP D 138 21.26 -50.81 18.69
CA ASP D 138 22.34 -50.88 17.70
C ASP D 138 21.85 -50.74 16.27
N PHE D 139 21.27 -49.60 15.93
CA PHE D 139 20.83 -49.31 14.57
C PHE D 139 21.40 -47.98 14.11
N TYR D 140 21.51 -47.83 12.79
CA TYR D 140 22.17 -46.70 12.16
C TYR D 140 21.61 -46.56 10.75
N PRO D 141 21.07 -45.38 10.38
CA PRO D 141 20.96 -44.13 11.14
C PRO D 141 19.84 -44.14 12.18
N GLY D 142 19.87 -43.18 13.10
CA GLY D 142 18.84 -43.07 14.11
C GLY D 142 17.56 -42.46 13.59
N ALA D 143 16.92 -43.14 12.64
CA ALA D 143 15.66 -42.65 12.07
C ALA D 143 14.88 -43.87 11.58
N VAL D 144 13.92 -44.32 12.38
CA VAL D 144 13.08 -45.46 12.03
C VAL D 144 11.63 -45.09 12.31
N THR D 145 10.72 -45.84 11.66
CA THR D 145 9.29 -45.66 11.84
C THR D 145 8.75 -46.84 12.61
N VAL D 146 8.11 -46.57 13.75
CA VAL D 146 7.57 -47.59 14.64
C VAL D 146 6.08 -47.33 14.82
N ALA D 147 5.27 -48.36 14.58
CA ALA D 147 3.83 -48.25 14.72
C ALA D 147 3.28 -49.58 15.21
N TRP D 148 2.08 -49.53 15.78
CA TRP D 148 1.40 -50.71 16.30
C TRP D 148 0.19 -51.03 15.43
N LYS D 149 -0.07 -52.32 15.25
CA LYS D 149 -1.20 -52.79 14.46
C LYS D 149 -1.98 -53.82 15.26
N ALA D 150 -3.31 -53.77 15.15
CA ALA D 150 -4.16 -54.76 15.81
C ALA D 150 -4.45 -55.94 14.89
N ASP D 151 -3.38 -56.47 14.28
CA ASP D 151 -3.38 -57.69 13.48
C ASP D 151 -4.12 -57.54 12.16
N SER D 152 -4.84 -56.43 11.98
CA SER D 152 -5.47 -56.15 10.70
C SER D 152 -5.48 -54.67 10.32
N SER D 153 -4.92 -53.78 11.13
CA SER D 153 -4.94 -52.35 10.87
C SER D 153 -4.05 -51.61 11.87
N PRO D 154 -3.36 -50.56 11.44
CA PRO D 154 -2.55 -49.79 12.38
C PRO D 154 -3.41 -49.07 13.41
N VAL D 155 -2.84 -48.90 14.61
CA VAL D 155 -3.48 -48.16 15.69
C VAL D 155 -2.50 -47.11 16.19
N LYS D 156 -2.96 -45.87 16.30
CA LYS D 156 -2.11 -44.75 16.70
C LYS D 156 -2.43 -44.19 18.07
N ALA D 157 -3.57 -44.57 18.65
CA ALA D 157 -3.95 -44.04 19.96
C ALA D 157 -3.10 -44.67 21.05
N GLY D 158 -2.54 -43.83 21.92
CA GLY D 158 -1.77 -44.30 23.06
C GLY D 158 -0.37 -44.78 22.74
N VAL D 159 0.11 -44.59 21.52
CA VAL D 159 1.43 -45.06 21.14
C VAL D 159 2.48 -44.05 21.57
N GLU D 160 3.68 -44.54 21.89
CA GLU D 160 4.78 -43.69 22.29
C GLU D 160 6.07 -44.20 21.65
N THR D 161 6.91 -43.27 21.22
CA THR D 161 8.21 -43.59 20.63
C THR D 161 9.26 -42.66 21.21
N THR D 162 10.51 -43.14 21.20
CA THR D 162 11.64 -42.38 21.74
C THR D 162 12.58 -41.98 20.62
N THR D 163 13.05 -40.75 20.67
CA THR D 163 14.00 -40.27 19.67
C THR D 163 15.33 -41.00 19.84
N PRO D 164 15.91 -41.53 18.76
CA PRO D 164 17.20 -42.22 18.90
C PRO D 164 18.30 -41.27 19.38
N SER D 165 19.21 -41.82 20.17
CA SER D 165 20.31 -41.07 20.75
C SER D 165 21.63 -41.77 20.46
N LYS D 166 22.70 -40.97 20.46
CA LYS D 166 24.03 -41.48 20.16
C LYS D 166 24.52 -42.34 21.32
N GLN D 167 25.07 -43.51 21.00
CA GLN D 167 25.58 -44.43 22.01
C GLN D 167 27.10 -44.57 21.87
N SER D 168 27.66 -45.49 22.66
CA SER D 168 29.11 -45.55 22.83
C SER D 168 29.84 -45.90 21.54
N ASN D 169 29.31 -46.84 20.76
CA ASN D 169 30.01 -47.35 19.58
C ASN D 169 29.51 -46.67 18.30
N ASN D 170 29.19 -45.38 18.37
CA ASN D 170 28.75 -44.60 17.23
C ASN D 170 27.52 -45.22 16.57
N LYS D 171 26.57 -45.64 17.41
CA LYS D 171 25.32 -46.23 16.95
C LYS D 171 24.18 -45.52 17.65
N TYR D 172 22.97 -46.04 17.47
CA TYR D 172 21.77 -45.43 18.04
C TYR D 172 20.90 -46.50 18.68
N ALA D 173 20.18 -46.11 19.74
CA ALA D 173 19.25 -46.98 20.42
C ALA D 173 17.99 -46.19 20.76
N ALA D 174 16.88 -46.90 20.89
CA ALA D 174 15.59 -46.27 21.17
C ALA D 174 14.67 -47.30 21.81
N SER D 175 13.40 -46.94 21.97
CA SER D 175 12.40 -47.84 22.53
C SER D 175 11.03 -47.37 22.07
N SER D 176 9.99 -48.07 22.53
CA SER D 176 8.62 -47.70 22.22
C SER D 176 7.69 -48.34 23.23
N TYR D 177 6.66 -47.62 23.64
CA TYR D 177 5.69 -48.10 24.61
C TYR D 177 4.29 -47.81 24.13
N LEU D 178 3.40 -48.78 24.28
CA LEU D 178 1.99 -48.64 23.95
C LEU D 178 1.16 -49.00 25.18
N SER D 179 0.29 -48.10 25.59
CA SER D 179 -0.54 -48.29 26.77
C SER D 179 -1.89 -48.85 26.34
N LEU D 180 -2.26 -50.01 26.88
CA LEU D 180 -3.52 -50.66 26.56
C LEU D 180 -4.16 -51.18 27.85
N THR D 181 -5.41 -51.59 27.74
CA THR D 181 -6.12 -52.15 28.89
C THR D 181 -6.19 -53.67 28.78
N PRO D 182 -6.30 -54.37 29.91
CA PRO D 182 -6.41 -55.84 29.84
C PRO D 182 -7.59 -56.32 29.02
N GLU D 183 -8.72 -55.60 29.04
CA GLU D 183 -9.86 -55.98 28.22
C GLU D 183 -9.52 -55.92 26.73
N GLN D 184 -8.85 -54.84 26.31
CA GLN D 184 -8.44 -54.74 24.91
C GLN D 184 -7.23 -55.61 24.62
N TRP D 185 -6.45 -55.97 25.65
CA TRP D 185 -5.28 -56.83 25.43
C TRP D 185 -5.70 -58.22 24.98
N LYS D 186 -6.74 -58.78 25.58
CA LYS D 186 -7.23 -60.10 25.22
C LYS D 186 -8.35 -60.06 24.19
N SER D 187 -8.85 -58.88 23.83
CA SER D 187 -9.91 -58.80 22.83
C SER D 187 -9.37 -59.16 21.44
N HIS D 188 -8.20 -58.62 21.08
CA HIS D 188 -7.59 -58.93 19.81
C HIS D 188 -6.84 -60.26 19.88
N ARG D 189 -6.49 -60.78 18.70
CA ARG D 189 -5.80 -62.06 18.63
C ARG D 189 -4.29 -61.93 18.77
N SER D 190 -3.70 -60.90 18.18
CA SER D 190 -2.26 -60.69 18.27
C SER D 190 -1.95 -59.22 18.01
N TYR D 191 -0.75 -58.82 18.44
CA TYR D 191 -0.27 -57.46 18.23
C TYR D 191 1.15 -57.51 17.68
N SER D 192 1.48 -56.54 16.84
CA SER D 192 2.77 -56.50 16.17
C SER D 192 3.44 -55.15 16.38
N CYS D 193 4.77 -55.17 16.36
CA CYS D 193 5.60 -53.97 16.45
C CYS D 193 6.43 -53.89 15.17
N GLN D 194 6.12 -52.91 14.33
CA GLN D 194 6.75 -52.76 13.02
C GLN D 194 7.79 -51.66 13.07
N VAL D 195 9.02 -52.00 12.68
CA VAL D 195 10.12 -51.04 12.60
C VAL D 195 10.70 -51.08 11.20
N THR D 196 10.79 -49.92 10.55
CA THR D 196 11.33 -49.80 9.21
C THR D 196 12.67 -49.08 9.27
N HIS D 197 13.69 -49.68 8.65
CA HIS D 197 15.06 -49.15 8.69
C HIS D 197 15.60 -49.06 7.27
N GLU D 198 15.66 -47.83 6.74
CA GLU D 198 16.22 -47.56 5.41
C GLU D 198 15.56 -48.42 4.34
N GLY D 199 14.24 -48.55 4.43
CA GLY D 199 13.49 -49.38 3.51
C GLY D 199 13.41 -50.84 3.89
N SER D 200 14.10 -51.27 4.94
CA SER D 200 14.04 -52.63 5.43
C SER D 200 13.17 -52.68 6.68
N THR D 201 12.17 -53.55 6.66
CA THR D 201 11.20 -53.64 7.74
C THR D 201 11.47 -54.87 8.59
N VAL D 202 11.60 -54.66 9.90
CA VAL D 202 11.74 -55.73 10.88
C VAL D 202 10.55 -55.66 11.81
N GLU D 203 9.84 -56.78 11.95
CA GLU D 203 8.59 -56.82 12.70
C GLU D 203 8.62 -57.95 13.71
N LYS D 204 8.05 -57.70 14.89
CA LYS D 204 7.89 -58.69 15.93
C LYS D 204 6.42 -58.76 16.33
N THR D 205 5.90 -59.97 16.49
CA THR D 205 4.50 -60.19 16.81
C THR D 205 4.39 -60.97 18.11
N VAL D 206 3.42 -60.58 18.94
CA VAL D 206 3.17 -61.22 20.22
C VAL D 206 1.69 -61.54 20.35
N ALA D 207 1.39 -62.51 21.20
CA ALA D 207 0.03 -62.95 21.46
C ALA D 207 -0.20 -63.01 22.97
N PRO D 208 -1.45 -62.89 23.41
CA PRO D 208 -1.73 -62.99 24.85
C PRO D 208 -1.29 -64.33 25.41
N THR D 209 -0.75 -64.30 26.62
CA THR D 209 -0.23 -65.48 27.31
C THR D 209 0.82 -66.21 26.45
#